data_4RI0
#
_entry.id   4RI0
#
_cell.length_a   118.981
_cell.length_b   118.981
_cell.length_c   167.860
_cell.angle_alpha   90.000
_cell.angle_beta   90.000
_cell.angle_gamma   90.000
#
_symmetry.space_group_name_H-M   'P 43 21 2'
#
loop_
_entity.id
_entity.type
_entity.pdbx_description
1 polymer 'Serine protease HTRA3'
2 non-polymer 'PHOSPHATE ION'
3 water water
#
_entity_poly.entity_id   1
_entity_poly.type   'polypeptide(L)'
_entity_poly.pdbx_seq_one_letter_code
;LHQLSSPRYKFNFIADVVEKIAPAVVHIELFLRHPLFGRNVPLSSGSGFIMSEAGLIITNAHVVSSNSAAPGRQQLKVQL
QNGDSYEATIKDIDKKSDIATIKIHPKKKLPVLLLGHSADLRPGEFVVAIGSPFALQNTVTTGIVSTAQREGRELGLRDS
DMDYIQTDAIINYGNAGGPLVNLDGEVIGINTLKVTAGISFAIPSDRITRFLTEFQDKQIKDWKKRFIGIRMRTITPSLV
DELKASNPDFPEVSSGIYVQEVAPNSPSQRGGIQDGDIIVKVNGRPLVDSSELQEAVLTESPLLLEVRRGNDDLLFSIAP
EVVMGGHHHHHH
;
_entity_poly.pdbx_strand_id   A,B,C
#
loop_
_chem_comp.id
_chem_comp.type
_chem_comp.name
_chem_comp.formula
PO4 non-polymer 'PHOSPHATE ION' 'O4 P -3'
#
# COMPACT_ATOMS: atom_id res chain seq x y z
N SER A 6 -27.76 -1.19 -11.70
CA SER A 6 -27.34 -0.76 -10.38
C SER A 6 -25.86 -0.34 -10.39
N PRO A 7 -25.44 0.47 -9.40
CA PRO A 7 -24.05 0.95 -9.35
C PRO A 7 -23.02 -0.17 -9.21
N ARG A 8 -23.40 -1.28 -8.59
CA ARG A 8 -22.47 -2.38 -8.36
C ARG A 8 -21.96 -2.99 -9.66
N TYR A 9 -22.76 -2.92 -10.71
CA TYR A 9 -22.39 -3.53 -11.98
C TYR A 9 -21.95 -2.48 -12.99
N LYS A 10 -22.15 -1.21 -12.64
CA LYS A 10 -21.76 -0.11 -13.51
C LYS A 10 -20.38 0.48 -13.16
N PHE A 11 -20.05 0.51 -11.87
CA PHE A 11 -18.89 1.28 -11.42
C PHE A 11 -17.74 0.45 -10.88
N ASN A 12 -17.88 -0.88 -10.89
CA ASN A 12 -16.85 -1.73 -10.32
C ASN A 12 -15.83 -2.15 -11.37
N PHE A 13 -15.00 -1.19 -11.82
CA PHE A 13 -14.04 -1.44 -12.89
C PHE A 13 -12.77 -2.13 -12.39
N ILE A 14 -12.41 -1.88 -11.13
CA ILE A 14 -11.26 -2.52 -10.52
C ILE A 14 -11.49 -4.04 -10.50
N ALA A 15 -12.70 -4.45 -10.14
CA ALA A 15 -13.07 -5.86 -10.14
C ALA A 15 -12.90 -6.48 -11.52
N ASP A 16 -13.19 -5.68 -12.55
CA ASP A 16 -13.08 -6.15 -13.93
C ASP A 16 -11.61 -6.36 -14.30
N VAL A 17 -10.78 -5.36 -14.03
CA VAL A 17 -9.35 -5.45 -14.27
C VAL A 17 -8.78 -6.67 -13.54
N VAL A 18 -9.19 -6.85 -12.29
CA VAL A 18 -8.72 -7.96 -11.48
C VAL A 18 -9.13 -9.29 -12.10
N GLU A 19 -10.37 -9.41 -12.54
CA GLU A 19 -10.83 -10.68 -13.11
C GLU A 19 -10.10 -10.97 -14.43
N LYS A 20 -9.64 -9.91 -15.09
CA LYS A 20 -8.89 -10.09 -16.32
C LYS A 20 -7.45 -10.54 -16.08
N ILE A 21 -6.76 -9.88 -15.15
CA ILE A 21 -5.32 -10.12 -14.96
C ILE A 21 -4.98 -11.22 -13.95
N ALA A 22 -5.95 -11.61 -13.14
CA ALA A 22 -5.72 -12.55 -12.04
C ALA A 22 -5.10 -13.91 -12.43
N PRO A 23 -5.60 -14.55 -13.51
CA PRO A 23 -5.06 -15.88 -13.81
C PRO A 23 -3.57 -15.88 -14.14
N ALA A 24 -3.07 -14.76 -14.66
CA ALA A 24 -1.66 -14.68 -15.05
C ALA A 24 -0.75 -14.32 -13.86
N VAL A 25 -1.36 -14.13 -12.69
CA VAL A 25 -0.60 -13.85 -11.48
C VAL A 25 -0.28 -15.16 -10.77
N VAL A 26 0.96 -15.32 -10.33
CA VAL A 26 1.41 -16.57 -9.71
C VAL A 26 2.02 -16.34 -8.33
N HIS A 27 2.04 -17.40 -7.53
CA HIS A 27 2.74 -17.37 -6.25
C HIS A 27 4.09 -18.05 -6.42
N ILE A 28 5.11 -17.48 -5.80
CA ILE A 28 6.48 -17.97 -5.97
C ILE A 28 7.07 -18.29 -4.61
N GLU A 29 7.78 -19.40 -4.52
CA GLU A 29 8.26 -19.90 -3.23
C GLU A 29 9.63 -20.57 -3.36
N LEU A 30 10.58 -20.08 -2.57
CA LEU A 30 11.94 -20.61 -2.58
C LEU A 30 12.20 -21.36 -1.28
N PHE A 31 12.57 -22.63 -1.39
CA PHE A 31 12.71 -23.49 -0.21
C PHE A 31 13.90 -24.43 -0.28
N LEU A 32 14.11 -25.18 0.81
CA LEU A 32 15.21 -26.14 0.93
C LEU A 32 14.81 -27.59 0.75
N ARG A 33 15.76 -28.43 0.35
CA ARG A 33 15.52 -29.86 0.17
C ARG A 33 16.21 -30.68 1.26
N ASN A 40 10.54 -29.55 5.05
CA ASN A 40 11.37 -28.37 4.90
C ASN A 40 10.58 -27.06 4.91
N VAL A 41 11.29 -25.97 5.17
CA VAL A 41 10.71 -24.66 5.50
C VAL A 41 11.16 -23.55 4.55
N PRO A 42 10.22 -22.70 4.11
CA PRO A 42 10.47 -21.62 3.13
C PRO A 42 11.50 -20.57 3.57
N LEU A 43 12.31 -20.18 2.60
CA LEU A 43 13.41 -19.22 2.76
C LEU A 43 12.96 -17.84 2.28
N SER A 44 12.16 -17.84 1.22
CA SER A 44 11.65 -16.60 0.65
C SER A 44 10.40 -16.88 -0.18
N SER A 45 9.39 -16.03 -0.03
CA SER A 45 8.14 -16.20 -0.72
C SER A 45 7.67 -14.86 -1.29
N GLY A 46 6.75 -14.93 -2.26
CA GLY A 46 6.24 -13.73 -2.88
C GLY A 46 5.34 -14.04 -4.05
N SER A 47 5.09 -13.04 -4.88
CA SER A 47 4.23 -13.19 -6.04
C SER A 47 4.99 -12.90 -7.32
N GLY A 48 4.37 -13.22 -8.44
CA GLY A 48 4.95 -12.95 -9.74
C GLY A 48 3.86 -12.99 -10.79
N PHE A 49 4.23 -12.79 -12.04
CA PHE A 49 3.29 -12.88 -13.14
C PHE A 49 3.90 -13.45 -14.41
N ILE A 50 3.06 -14.16 -15.17
CA ILE A 50 3.48 -14.84 -16.40
C ILE A 50 3.61 -13.88 -17.58
N MET A 51 4.70 -14.01 -18.33
CA MET A 51 4.97 -13.09 -19.43
C MET A 51 4.91 -13.78 -20.79
N SER A 52 5.52 -14.96 -20.89
CA SER A 52 5.42 -15.75 -22.12
C SER A 52 4.70 -17.05 -21.82
N GLU A 53 3.92 -17.51 -22.80
CA GLU A 53 3.03 -18.65 -22.64
C GLU A 53 3.84 -19.94 -22.69
N ALA A 54 5.15 -19.79 -22.85
CA ALA A 54 6.08 -20.90 -22.76
C ALA A 54 6.43 -21.13 -21.30
N GLY A 55 5.99 -20.21 -20.46
CA GLY A 55 6.19 -20.32 -19.02
C GLY A 55 7.21 -19.34 -18.48
N LEU A 56 7.28 -18.13 -19.06
CA LEU A 56 8.20 -17.14 -18.53
C LEU A 56 7.49 -16.23 -17.54
N ILE A 57 8.15 -15.95 -16.42
CA ILE A 57 7.52 -15.29 -15.29
C ILE A 57 8.42 -14.18 -14.76
N ILE A 58 7.86 -13.00 -14.52
CA ILE A 58 8.63 -11.91 -13.94
C ILE A 58 8.24 -11.63 -12.50
N THR A 59 9.25 -11.33 -11.67
CA THR A 59 9.05 -10.88 -10.30
C THR A 59 10.26 -10.01 -9.95
N ASN A 60 10.41 -9.65 -8.68
CA ASN A 60 11.58 -8.87 -8.31
C ASN A 60 12.65 -9.77 -7.67
N ALA A 61 13.87 -9.27 -7.59
CA ALA A 61 15.00 -10.10 -7.22
C ALA A 61 14.99 -10.51 -5.76
N HIS A 62 14.08 -9.91 -4.98
CA HIS A 62 13.99 -10.19 -3.55
C HIS A 62 13.10 -11.39 -3.26
N VAL A 63 12.10 -11.60 -4.11
CA VAL A 63 11.20 -12.75 -3.98
C VAL A 63 11.93 -14.07 -4.13
N VAL A 64 12.75 -14.17 -5.17
CA VAL A 64 13.38 -15.43 -5.53
C VAL A 64 14.82 -15.57 -5.01
N SER A 65 15.16 -14.85 -3.95
CA SER A 65 16.50 -14.95 -3.38
C SER A 65 16.51 -14.74 -1.87
N SER A 66 17.43 -15.43 -1.20
CA SER A 66 17.61 -15.33 0.25
C SER A 66 19.08 -15.16 0.61
N ASN A 67 19.34 -14.55 1.76
CA ASN A 67 20.71 -14.36 2.23
C ASN A 67 21.03 -15.32 3.36
N SER A 68 20.30 -16.43 3.39
CA SER A 68 20.49 -17.43 4.43
C SER A 68 21.68 -18.34 4.11
N ALA A 69 22.34 -18.81 5.15
CA ALA A 69 23.47 -19.72 4.99
C ALA A 69 23.04 -21.14 5.24
N ALA A 70 21.80 -21.44 4.86
CA ALA A 70 21.27 -22.77 5.08
C ALA A 70 21.82 -23.70 4.01
N PRO A 71 22.47 -24.79 4.44
CA PRO A 71 23.11 -25.72 3.49
C PRO A 71 22.08 -26.57 2.77
N GLY A 72 22.30 -26.86 1.49
CA GLY A 72 21.38 -27.70 0.77
C GLY A 72 20.98 -27.14 -0.58
N ARG A 73 20.35 -27.99 -1.40
CA ARG A 73 19.95 -27.57 -2.72
C ARG A 73 18.66 -26.77 -2.60
N GLN A 74 18.69 -25.54 -3.09
CA GLN A 74 17.54 -24.66 -2.99
C GLN A 74 16.67 -24.88 -4.22
N GLN A 75 15.38 -24.61 -4.11
CA GLN A 75 14.49 -24.90 -5.23
C GLN A 75 13.42 -23.83 -5.35
N LEU A 76 12.83 -23.74 -6.54
CA LEU A 76 11.82 -22.73 -6.80
C LEU A 76 10.50 -23.37 -7.20
N LYS A 77 9.42 -22.80 -6.70
CA LYS A 77 8.09 -23.37 -6.84
C LYS A 77 7.11 -22.28 -7.25
N VAL A 78 6.27 -22.59 -8.22
CA VAL A 78 5.33 -21.62 -8.75
C VAL A 78 3.93 -22.21 -8.74
N GLN A 79 3.04 -21.57 -7.98
CA GLN A 79 1.65 -22.00 -7.94
C GLN A 79 0.82 -21.04 -8.77
N LEU A 80 -0.13 -21.59 -9.51
CA LEU A 80 -0.96 -20.78 -10.39
C LEU A 80 -2.33 -20.57 -9.76
N GLN A 81 -3.22 -19.90 -10.48
CA GLN A 81 -4.51 -19.53 -9.90
C GLN A 81 -5.42 -20.74 -9.80
N ASN A 82 -5.04 -21.83 -10.46
CA ASN A 82 -5.86 -23.03 -10.50
C ASN A 82 -5.32 -24.15 -9.61
N GLY A 83 -4.16 -23.90 -9.02
CA GLY A 83 -3.60 -24.85 -8.06
C GLY A 83 -2.37 -25.57 -8.56
N ASP A 84 -2.22 -25.65 -9.88
CA ASP A 84 -1.08 -26.36 -10.49
C ASP A 84 0.26 -25.80 -10.00
N SER A 85 1.17 -26.70 -9.70
CA SER A 85 2.45 -26.31 -9.10
C SER A 85 3.60 -26.79 -9.97
N TYR A 86 4.46 -25.87 -10.36
CA TYR A 86 5.60 -26.19 -11.21
C TYR A 86 6.92 -25.86 -10.51
N GLU A 87 7.96 -26.63 -10.81
CA GLU A 87 9.30 -26.24 -10.38
C GLU A 87 9.77 -25.16 -11.34
N ALA A 88 10.65 -24.28 -10.87
CA ALA A 88 11.06 -23.13 -11.69
C ALA A 88 12.54 -22.88 -11.58
N THR A 89 13.10 -22.15 -12.54
CA THR A 89 14.53 -21.86 -12.53
C THR A 89 14.83 -20.43 -12.95
N ILE A 90 15.80 -19.80 -12.30
CA ILE A 90 16.14 -18.42 -12.60
C ILE A 90 16.85 -18.29 -13.94
N LYS A 91 16.21 -17.58 -14.87
CA LYS A 91 16.77 -17.37 -16.19
C LYS A 91 17.66 -16.14 -16.22
N ASP A 92 17.15 -15.04 -15.66
CA ASP A 92 17.91 -13.81 -15.54
C ASP A 92 17.55 -13.09 -14.24
N ILE A 93 18.51 -12.38 -13.67
CA ILE A 93 18.29 -11.64 -12.42
C ILE A 93 19.34 -10.55 -12.23
N ASP A 94 18.89 -9.35 -11.88
CA ASP A 94 19.79 -8.24 -11.58
C ASP A 94 19.45 -7.67 -10.21
N LYS A 95 20.41 -7.74 -9.30
CA LYS A 95 20.19 -7.41 -7.90
C LYS A 95 20.17 -5.92 -7.68
N LYS A 96 20.71 -5.17 -8.63
CA LYS A 96 20.82 -3.71 -8.49
C LYS A 96 19.62 -3.02 -9.12
N SER A 97 18.85 -3.76 -9.91
CA SER A 97 17.64 -3.23 -10.53
C SER A 97 16.44 -3.96 -9.97
N ASP A 98 16.71 -4.97 -9.14
CA ASP A 98 15.68 -5.72 -8.42
C ASP A 98 14.68 -6.38 -9.35
N ILE A 99 15.14 -6.92 -10.47
CA ILE A 99 14.25 -7.63 -11.39
C ILE A 99 14.73 -9.06 -11.61
N ALA A 100 13.80 -9.99 -11.76
CA ALA A 100 14.15 -11.39 -11.98
C ALA A 100 13.12 -12.10 -12.85
N THR A 101 13.60 -12.86 -13.82
CA THR A 101 12.74 -13.68 -14.66
C THR A 101 13.02 -15.15 -14.39
N ILE A 102 12.00 -15.89 -13.97
CA ILE A 102 12.12 -17.32 -13.76
C ILE A 102 11.32 -18.06 -14.83
N LYS A 103 11.63 -19.33 -15.03
CA LYS A 103 11.05 -20.08 -16.13
C LYS A 103 10.55 -21.42 -15.64
N ILE A 104 9.32 -21.76 -16.04
CA ILE A 104 8.71 -23.05 -15.77
C ILE A 104 8.44 -23.79 -17.08
N HIS A 105 8.27 -25.10 -17.00
CA HIS A 105 7.88 -25.89 -18.17
C HIS A 105 6.46 -26.38 -18.00
N PRO A 106 5.50 -25.63 -18.58
CA PRO A 106 4.06 -25.78 -18.34
C PRO A 106 3.43 -26.99 -19.04
N LYS A 107 2.17 -27.23 -18.73
CA LYS A 107 1.38 -28.27 -19.37
C LYS A 107 0.77 -27.70 -20.64
N LYS A 108 -0.39 -27.06 -20.48
CA LYS A 108 -1.02 -26.33 -21.57
C LYS A 108 -0.26 -25.03 -21.83
N LYS A 109 -0.82 -24.15 -22.64
CA LYS A 109 -0.28 -22.80 -22.80
C LYS A 109 -0.90 -21.85 -21.78
N LEU A 110 -0.11 -20.91 -21.30
CA LEU A 110 -0.47 -20.09 -20.16
C LEU A 110 -1.01 -18.72 -20.54
N PRO A 111 -1.98 -18.22 -19.75
CA PRO A 111 -2.41 -16.82 -19.89
C PRO A 111 -1.25 -15.89 -19.57
N VAL A 112 -1.17 -14.75 -20.25
CA VAL A 112 -0.03 -13.87 -20.06
C VAL A 112 -0.46 -12.40 -19.97
N LEU A 113 0.27 -11.64 -19.17
CA LEU A 113 0.07 -10.20 -19.14
C LEU A 113 1.06 -9.56 -20.11
N LEU A 114 0.75 -8.34 -20.54
CA LEU A 114 1.63 -7.63 -21.45
C LEU A 114 2.10 -6.34 -20.81
N LEU A 115 3.37 -6.02 -21.00
CA LEU A 115 3.95 -4.79 -20.47
C LEU A 115 3.29 -3.56 -21.08
N GLY A 116 3.42 -2.44 -20.39
CA GLY A 116 2.86 -1.18 -20.86
C GLY A 116 3.90 -0.10 -20.74
N HIS A 117 3.52 1.13 -21.08
CA HIS A 117 4.47 2.23 -21.06
C HIS A 117 4.26 3.07 -19.80
N SER A 118 5.12 2.85 -18.80
CA SER A 118 4.96 3.50 -17.51
C SER A 118 5.18 5.00 -17.60
N ALA A 119 5.85 5.44 -18.66
CA ALA A 119 6.08 6.86 -18.91
C ALA A 119 4.79 7.51 -19.42
N ASP A 120 3.86 6.69 -19.91
CA ASP A 120 2.57 7.18 -20.40
C ASP A 120 1.57 7.26 -19.27
N LEU A 121 2.05 7.27 -18.04
CA LEU A 121 1.19 7.30 -16.86
C LEU A 121 0.96 8.75 -16.41
N ARG A 122 -0.30 9.09 -16.15
CA ARG A 122 -0.65 10.41 -15.68
C ARG A 122 -0.81 10.39 -14.17
N PRO A 123 -0.40 11.48 -13.50
CA PRO A 123 -0.67 11.59 -12.06
C PRO A 123 -2.16 11.50 -11.79
N GLY A 124 -2.57 10.59 -10.92
CA GLY A 124 -3.97 10.43 -10.59
C GLY A 124 -4.61 9.27 -11.33
N GLU A 125 -3.82 8.59 -12.16
CA GLU A 125 -4.32 7.43 -12.89
C GLU A 125 -4.46 6.24 -11.96
N PHE A 126 -5.63 5.61 -11.98
CA PHE A 126 -5.88 4.45 -11.13
C PHE A 126 -4.97 3.28 -11.45
N VAL A 127 -4.45 2.64 -10.40
CA VAL A 127 -3.62 1.45 -10.55
C VAL A 127 -4.04 0.37 -9.58
N VAL A 128 -3.76 -0.87 -9.97
CA VAL A 128 -4.13 -2.05 -9.17
C VAL A 128 -2.90 -2.88 -8.87
N ALA A 129 -2.59 -3.02 -7.59
CA ALA A 129 -1.50 -3.89 -7.15
C ALA A 129 -2.06 -5.24 -6.74
N ILE A 130 -1.64 -6.28 -7.44
CA ILE A 130 -2.20 -7.62 -7.25
C ILE A 130 -1.08 -8.66 -7.10
N GLY A 131 -1.32 -9.65 -6.25
CA GLY A 131 -0.38 -10.74 -6.06
C GLY A 131 -1.11 -11.99 -5.64
N SER A 132 -0.36 -12.99 -5.18
CA SER A 132 -0.94 -14.23 -4.69
C SER A 132 -0.19 -14.66 -3.44
N PRO A 133 -0.80 -14.42 -2.26
CA PRO A 133 -0.14 -14.73 -0.99
C PRO A 133 -0.07 -16.24 -0.75
N PHE A 134 -1.21 -16.90 -0.94
CA PHE A 134 -1.30 -18.35 -0.82
C PHE A 134 -1.80 -18.89 -2.16
N ALA A 135 -1.75 -20.20 -2.33
CA ALA A 135 -2.22 -20.81 -3.57
C ALA A 135 -3.71 -20.54 -3.78
N LEU A 136 -4.09 -20.25 -5.03
CA LEU A 136 -5.48 -20.04 -5.43
C LEU A 136 -6.11 -18.80 -4.81
N GLN A 137 -5.32 -18.04 -4.05
CA GLN A 137 -5.82 -16.82 -3.43
C GLN A 137 -5.16 -15.59 -4.05
N ASN A 138 -5.88 -14.48 -4.07
CA ASN A 138 -5.33 -13.21 -4.57
C ASN A 138 -5.45 -12.09 -3.54
N THR A 139 -4.43 -11.24 -3.49
CA THR A 139 -4.46 -10.05 -2.65
C THR A 139 -4.41 -8.82 -3.54
N VAL A 140 -5.45 -7.99 -3.46
CA VAL A 140 -5.61 -6.87 -4.38
C VAL A 140 -5.80 -5.56 -3.63
N THR A 141 -4.98 -4.57 -3.96
CA THR A 141 -5.15 -3.22 -3.44
C THR A 141 -5.21 -2.24 -4.59
N THR A 142 -5.92 -1.13 -4.42
CA THR A 142 -6.03 -0.15 -5.49
C THR A 142 -5.55 1.21 -5.01
N GLY A 143 -5.11 2.04 -5.97
CA GLY A 143 -4.69 3.39 -5.64
C GLY A 143 -4.58 4.22 -6.90
N ILE A 144 -3.82 5.30 -6.82
CA ILE A 144 -3.54 6.11 -8.00
C ILE A 144 -2.04 6.36 -8.10
N VAL A 145 -1.59 6.79 -9.28
CA VAL A 145 -0.20 7.14 -9.46
C VAL A 145 0.03 8.49 -8.80
N SER A 146 0.96 8.54 -7.86
CA SER A 146 1.09 9.71 -6.98
C SER A 146 2.16 10.66 -7.49
N THR A 147 2.92 10.22 -8.48
CA THR A 147 3.85 11.09 -9.18
C THR A 147 4.17 10.56 -10.58
N ASP A 161 19.91 7.18 -11.19
CA ASP A 161 20.03 5.91 -11.91
C ASP A 161 18.70 5.16 -11.91
N MET A 162 18.18 4.88 -10.72
CA MET A 162 16.95 4.12 -10.56
C MET A 162 15.80 4.98 -10.07
N ASP A 163 14.65 4.84 -10.70
CA ASP A 163 13.47 5.63 -10.38
C ASP A 163 12.29 4.68 -10.23
N TYR A 164 11.23 5.13 -9.57
CA TYR A 164 10.13 4.24 -9.24
C TYR A 164 8.78 4.84 -9.63
N ILE A 165 7.76 3.99 -9.69
CA ILE A 165 6.39 4.45 -9.75
C ILE A 165 5.92 4.62 -8.32
N GLN A 166 5.30 5.74 -8.01
CA GLN A 166 4.81 5.98 -6.67
C GLN A 166 3.30 5.96 -6.65
N THR A 167 2.73 5.36 -5.61
CA THR A 167 1.30 5.14 -5.53
C THR A 167 0.84 5.06 -4.08
N ASP A 168 -0.42 5.38 -3.85
CA ASP A 168 -0.97 5.32 -2.50
C ASP A 168 -1.78 4.03 -2.33
N ALA A 169 -1.44 3.03 -3.15
CA ALA A 169 -2.02 1.71 -3.00
C ALA A 169 -1.14 0.89 -2.06
N ILE A 170 -1.77 0.23 -1.10
CA ILE A 170 -1.05 -0.53 -0.08
C ILE A 170 -0.39 -1.76 -0.70
N ILE A 171 0.86 -2.03 -0.33
CA ILE A 171 1.55 -3.22 -0.80
C ILE A 171 2.14 -3.97 0.39
N ASN A 172 1.83 -5.26 0.48
CA ASN A 172 2.35 -6.08 1.57
C ASN A 172 2.92 -7.38 1.02
N TYR A 173 3.04 -8.38 1.90
CA TYR A 173 3.64 -9.65 1.52
C TYR A 173 2.75 -10.41 0.55
N GLY A 174 1.47 -10.03 0.50
CA GLY A 174 0.48 -10.75 -0.25
C GLY A 174 0.41 -10.33 -1.71
N ASN A 175 1.07 -9.22 -2.04
CA ASN A 175 1.08 -8.77 -3.42
C ASN A 175 2.43 -8.20 -3.85
N ALA A 176 3.47 -8.48 -3.05
CA ALA A 176 4.82 -8.06 -3.40
C ALA A 176 5.39 -8.96 -4.48
N GLY A 177 6.12 -8.39 -5.42
CA GLY A 177 6.62 -9.14 -6.56
C GLY A 177 5.59 -9.22 -7.66
N GLY A 178 4.31 -9.11 -7.29
CA GLY A 178 3.23 -9.14 -8.24
C GLY A 178 3.20 -7.90 -9.13
N PRO A 179 2.35 -7.93 -10.17
CA PRO A 179 2.30 -6.80 -11.10
C PRO A 179 1.51 -5.61 -10.57
N LEU A 180 1.93 -4.40 -10.95
CA LEU A 180 1.11 -3.21 -10.76
C LEU A 180 0.59 -2.79 -12.12
N VAL A 181 -0.73 -2.86 -12.30
CA VAL A 181 -1.32 -2.62 -13.61
C VAL A 181 -2.19 -1.37 -13.65
N ASN A 182 -2.41 -0.85 -14.86
CA ASN A 182 -3.38 0.21 -15.08
C ASN A 182 -4.74 -0.38 -15.42
N LEU A 183 -5.69 0.47 -15.79
CA LEU A 183 -7.07 0.02 -15.98
C LEU A 183 -7.24 -0.74 -17.30
N ASP A 184 -6.23 -0.70 -18.16
CA ASP A 184 -6.24 -1.45 -19.40
C ASP A 184 -5.69 -2.86 -19.19
N GLY A 185 -5.29 -3.15 -17.96
CA GLY A 185 -4.72 -4.45 -17.63
C GLY A 185 -3.24 -4.55 -17.98
N GLU A 186 -2.66 -3.44 -18.42
CA GLU A 186 -1.25 -3.43 -18.79
C GLU A 186 -0.36 -3.32 -17.56
N VAL A 187 0.71 -4.11 -17.52
CA VAL A 187 1.64 -4.06 -16.40
C VAL A 187 2.56 -2.85 -16.55
N ILE A 188 2.45 -1.92 -15.61
CA ILE A 188 3.27 -0.71 -15.63
C ILE A 188 4.21 -0.66 -14.43
N GLY A 189 4.26 -1.74 -13.67
CA GLY A 189 5.16 -1.82 -12.54
C GLY A 189 5.20 -3.17 -11.83
N ILE A 190 6.24 -3.36 -11.01
CA ILE A 190 6.37 -4.53 -10.16
C ILE A 190 6.30 -4.09 -8.70
N ASN A 191 5.41 -4.71 -7.93
CA ASN A 191 5.21 -4.32 -6.55
C ASN A 191 6.42 -4.65 -5.67
N THR A 192 6.87 -3.68 -4.89
CA THR A 192 7.94 -3.89 -3.93
C THR A 192 7.49 -3.49 -2.54
N LEU A 193 8.35 -3.70 -1.55
CA LEU A 193 8.00 -3.36 -0.17
C LEU A 193 8.63 -2.03 0.23
N LYS A 194 9.01 -1.23 -0.76
CA LYS A 194 9.58 0.09 -0.49
C LYS A 194 8.46 1.10 -0.26
N VAL A 195 8.50 1.74 0.91
CA VAL A 195 7.50 2.71 1.29
C VAL A 195 8.20 3.93 1.89
N THR A 196 7.76 5.13 1.48
CA THR A 196 8.30 6.37 2.00
C THR A 196 7.16 7.36 2.26
N ALA A 197 6.92 7.64 3.54
CA ALA A 197 5.84 8.52 3.98
C ALA A 197 4.48 8.05 3.47
N GLY A 198 4.18 6.78 3.69
CA GLY A 198 2.87 6.23 3.34
C GLY A 198 2.70 5.89 1.87
N ILE A 199 3.65 6.32 1.05
CA ILE A 199 3.58 6.07 -0.39
C ILE A 199 4.37 4.82 -0.77
N SER A 200 3.74 3.94 -1.55
CA SER A 200 4.39 2.71 -1.97
C SER A 200 5.18 2.91 -3.26
N PHE A 201 6.22 2.11 -3.43
CA PHE A 201 7.08 2.20 -4.61
C PHE A 201 7.04 0.94 -5.44
N ALA A 202 7.14 1.10 -6.76
CA ALA A 202 7.09 -0.03 -7.68
C ALA A 202 8.14 0.12 -8.77
N ILE A 203 8.67 -1.01 -9.24
CA ILE A 203 9.66 -1.01 -10.31
C ILE A 203 8.98 -0.76 -11.65
N PRO A 204 9.28 0.39 -12.28
CA PRO A 204 8.65 0.79 -13.55
C PRO A 204 8.77 -0.27 -14.64
N SER A 205 7.72 -0.42 -15.45
CA SER A 205 7.72 -1.39 -16.53
C SER A 205 8.74 -1.02 -17.60
N ASP A 206 9.09 0.26 -17.65
CA ASP A 206 10.10 0.73 -18.58
C ASP A 206 11.46 0.18 -18.17
N ARG A 207 11.69 0.07 -16.87
CA ARG A 207 12.92 -0.52 -16.37
C ARG A 207 12.89 -2.04 -16.60
N ILE A 208 11.69 -2.61 -16.68
CA ILE A 208 11.53 -4.01 -17.06
C ILE A 208 11.93 -4.22 -18.52
N THR A 209 11.48 -3.32 -19.40
CA THR A 209 11.80 -3.43 -20.82
C THR A 209 13.29 -3.18 -21.02
N ARG A 210 13.81 -2.29 -20.17
CA ARG A 210 15.23 -1.97 -20.11
C ARG A 210 16.00 -3.26 -19.79
N PHE A 211 15.52 -3.96 -18.76
CA PHE A 211 16.04 -5.27 -18.37
C PHE A 211 16.00 -6.29 -19.51
N LEU A 212 14.87 -6.34 -20.20
CA LEU A 212 14.62 -7.36 -21.22
C LEU A 212 15.48 -7.17 -22.46
N THR A 213 15.52 -5.96 -23.00
CA THR A 213 16.25 -5.73 -24.24
C THR A 213 17.74 -6.01 -24.06
N GLU A 214 18.18 -6.07 -22.81
CA GLU A 214 19.60 -6.15 -22.52
C GLU A 214 19.99 -7.49 -21.90
N PHE A 215 19.08 -8.46 -21.91
CA PHE A 215 19.34 -9.71 -21.21
C PHE A 215 18.58 -10.91 -21.78
N GLN A 216 17.40 -10.66 -22.35
CA GLN A 216 16.57 -11.74 -22.86
C GLN A 216 17.18 -12.37 -24.10
N ASP A 217 17.36 -11.56 -25.15
CA ASP A 217 18.00 -12.04 -26.37
C ASP A 217 19.50 -11.78 -26.31
N LYS A 218 20.26 -12.79 -25.89
CA LYS A 218 21.71 -12.67 -25.75
C LYS A 218 22.41 -13.01 -27.07
N GLN A 219 23.57 -12.39 -27.30
CA GLN A 219 24.35 -12.68 -28.50
C GLN A 219 24.97 -14.07 -28.44
N ILE A 220 25.39 -14.47 -27.24
CA ILE A 220 25.95 -15.80 -27.02
C ILE A 220 25.49 -16.36 -25.67
N LYS A 221 24.45 -17.18 -25.71
CA LYS A 221 23.79 -17.71 -24.51
C LYS A 221 24.66 -18.68 -23.71
N ASP A 222 25.77 -19.12 -24.29
CA ASP A 222 26.62 -20.12 -23.64
C ASP A 222 28.11 -19.79 -23.68
N TRP A 223 28.71 -19.69 -22.50
CA TRP A 223 30.15 -19.53 -22.36
C TRP A 223 30.73 -20.80 -21.76
N LYS A 224 32.03 -21.05 -21.96
CA LYS A 224 32.66 -22.18 -21.28
C LYS A 224 33.51 -21.67 -20.12
N LYS A 225 33.47 -22.39 -19.02
CA LYS A 225 34.14 -21.95 -17.80
C LYS A 225 34.56 -23.12 -16.92
N ARG A 226 35.56 -22.88 -16.08
CA ARG A 226 36.08 -23.89 -15.17
C ARG A 226 35.42 -23.78 -13.81
N PHE A 227 35.04 -24.91 -13.23
CA PHE A 227 34.31 -24.93 -11.97
C PHE A 227 34.61 -26.19 -11.15
N ILE A 228 34.44 -26.07 -9.83
CA ILE A 228 34.57 -27.23 -8.95
C ILE A 228 33.21 -27.58 -8.37
N GLY A 229 32.27 -26.64 -8.51
CA GLY A 229 30.88 -26.90 -8.18
C GLY A 229 30.48 -26.75 -6.73
N ILE A 230 30.76 -25.60 -6.14
CA ILE A 230 30.30 -25.30 -4.78
C ILE A 230 29.82 -23.85 -4.66
N ARG A 231 28.78 -23.63 -3.87
CA ARG A 231 28.38 -22.27 -3.55
C ARG A 231 29.23 -21.79 -2.38
N MET A 232 29.82 -20.61 -2.55
CA MET A 232 30.75 -20.09 -1.54
C MET A 232 30.18 -18.92 -0.77
N ARG A 233 30.41 -18.94 0.54
CA ARG A 233 30.12 -17.80 1.40
C ARG A 233 31.39 -17.45 2.17
N THR A 234 31.93 -16.26 1.96
CA THR A 234 33.10 -15.81 2.70
C THR A 234 32.80 -15.79 4.20
N ILE A 235 33.69 -16.38 4.99
CA ILE A 235 33.50 -16.39 6.44
C ILE A 235 33.59 -14.96 6.99
N THR A 236 32.46 -14.47 7.46
CA THR A 236 32.37 -13.16 8.10
C THR A 236 31.81 -13.36 9.50
N PRO A 237 32.07 -12.40 10.42
CA PRO A 237 31.53 -12.47 11.78
C PRO A 237 30.03 -12.77 11.83
N SER A 238 29.26 -12.08 11.00
CA SER A 238 27.81 -12.29 10.94
C SER A 238 27.44 -13.70 10.50
N LEU A 239 28.21 -14.25 9.56
CA LEU A 239 27.96 -15.60 9.08
C LEU A 239 28.25 -16.64 10.16
N VAL A 240 29.38 -16.48 10.84
CA VAL A 240 29.76 -17.35 11.95
C VAL A 240 28.70 -17.29 13.05
N ASP A 241 28.22 -16.09 13.35
CA ASP A 241 27.15 -15.91 14.32
C ASP A 241 25.89 -16.67 13.90
N GLU A 242 25.48 -16.49 12.65
CA GLU A 242 24.26 -17.11 12.13
C GLU A 242 24.34 -18.64 12.16
N LEU A 243 25.48 -19.18 11.77
CA LEU A 243 25.65 -20.62 11.68
C LEU A 243 25.81 -21.28 13.05
N LYS A 244 26.58 -20.64 13.92
CA LYS A 244 26.76 -21.16 15.28
C LYS A 244 25.43 -21.14 16.03
N ALA A 245 24.59 -20.16 15.70
CA ALA A 245 23.24 -20.08 16.25
C ALA A 245 22.45 -21.32 15.86
N SER A 246 22.70 -21.82 14.65
CA SER A 246 22.08 -23.06 14.20
C SER A 246 22.75 -24.26 14.88
N ASN A 247 23.50 -25.03 14.10
CA ASN A 247 24.24 -26.17 14.64
C ASN A 247 25.37 -25.70 15.56
N PRO A 248 25.28 -26.05 16.86
CA PRO A 248 26.20 -25.58 17.89
C PRO A 248 27.61 -26.18 17.78
N ASP A 249 27.75 -27.23 16.98
CA ASP A 249 29.04 -27.88 16.78
C ASP A 249 29.89 -27.10 15.78
N PHE A 250 29.30 -26.09 15.16
CA PHE A 250 29.96 -25.29 14.14
C PHE A 250 31.32 -24.76 14.59
N PRO A 251 32.39 -25.24 13.94
CA PRO A 251 33.78 -24.87 14.27
C PRO A 251 34.06 -23.38 14.19
N GLU A 252 34.92 -22.89 15.07
CA GLU A 252 35.28 -21.48 15.10
C GLU A 252 36.60 -21.25 14.37
N VAL A 253 36.57 -20.44 13.32
CA VAL A 253 37.78 -20.20 12.52
C VAL A 253 37.97 -18.71 12.22
N SER A 254 39.22 -18.28 12.13
CA SER A 254 39.55 -16.89 11.84
C SER A 254 39.00 -16.45 10.49
N SER A 255 39.44 -17.10 9.43
CA SER A 255 38.96 -16.81 8.09
C SER A 255 38.72 -18.10 7.32
N GLY A 256 38.10 -17.99 6.15
CA GLY A 256 37.84 -19.15 5.32
C GLY A 256 36.64 -18.99 4.43
N ILE A 257 36.21 -20.10 3.82
CA ILE A 257 35.09 -20.09 2.89
C ILE A 257 34.07 -21.16 3.23
N TYR A 258 32.83 -20.75 3.44
CA TYR A 258 31.76 -21.66 3.81
C TYR A 258 31.15 -22.35 2.60
N VAL A 259 31.22 -23.67 2.57
CA VAL A 259 30.60 -24.45 1.51
C VAL A 259 29.12 -24.66 1.83
N GLN A 260 28.26 -23.90 1.16
CA GLN A 260 26.83 -23.95 1.44
C GLN A 260 26.12 -25.05 0.64
N GLU A 261 26.60 -25.31 -0.57
CA GLU A 261 26.01 -26.36 -1.39
C GLU A 261 26.99 -26.93 -2.40
N VAL A 262 27.11 -28.25 -2.42
CA VAL A 262 27.94 -28.95 -3.40
C VAL A 262 27.07 -29.46 -4.55
N ALA A 263 27.56 -29.33 -5.78
CA ALA A 263 26.79 -29.67 -6.98
C ALA A 263 26.79 -31.19 -7.27
N PRO A 264 25.63 -31.71 -7.70
CA PRO A 264 25.34 -33.12 -8.02
C PRO A 264 26.47 -33.93 -8.66
N ASN A 265 26.97 -33.51 -9.83
CA ASN A 265 28.02 -34.25 -10.52
C ASN A 265 29.29 -33.42 -10.66
N SER A 266 29.59 -32.62 -9.65
CA SER A 266 30.76 -31.75 -9.65
C SER A 266 32.01 -32.49 -9.19
N PRO A 267 33.20 -31.93 -9.50
CA PRO A 267 34.47 -32.48 -8.99
C PRO A 267 34.53 -32.57 -7.47
N SER A 268 33.64 -31.86 -6.79
CA SER A 268 33.61 -31.83 -5.32
C SER A 268 32.76 -32.95 -4.73
N GLN A 269 31.63 -33.25 -5.38
CA GLN A 269 30.80 -34.37 -4.97
C GLN A 269 31.58 -35.67 -5.13
N ARG A 270 32.27 -35.80 -6.25
CA ARG A 270 33.14 -36.95 -6.48
C ARG A 270 34.39 -36.83 -5.62
N GLY A 271 34.76 -35.59 -5.30
CA GLY A 271 35.99 -35.32 -4.57
C GLY A 271 35.94 -35.64 -3.09
N GLY A 272 34.78 -35.46 -2.48
CA GLY A 272 34.62 -35.77 -1.07
C GLY A 272 34.08 -34.62 -0.23
N ILE A 273 34.07 -33.43 -0.80
CA ILE A 273 33.56 -32.24 -0.13
C ILE A 273 32.07 -32.40 0.20
N GLN A 274 31.63 -31.80 1.30
CA GLN A 274 30.23 -31.88 1.72
C GLN A 274 29.69 -30.52 2.13
N ASP A 275 28.36 -30.41 2.22
CA ASP A 275 27.73 -29.17 2.67
C ASP A 275 28.13 -28.85 4.11
N GLY A 276 28.60 -27.63 4.33
CA GLY A 276 28.95 -27.19 5.67
C GLY A 276 30.44 -27.17 5.95
N ASP A 277 31.23 -27.76 5.06
CA ASP A 277 32.67 -27.78 5.21
C ASP A 277 33.24 -26.36 5.07
N ILE A 278 34.27 -26.04 5.85
CA ILE A 278 34.94 -24.75 5.73
C ILE A 278 36.33 -24.92 5.12
N ILE A 279 36.54 -24.31 3.96
CA ILE A 279 37.81 -24.38 3.27
C ILE A 279 38.73 -23.25 3.76
N VAL A 280 39.86 -23.62 4.36
CA VAL A 280 40.74 -22.65 4.98
C VAL A 280 42.01 -22.39 4.16
N LYS A 281 42.36 -23.33 3.28
CA LYS A 281 43.56 -23.22 2.47
C LYS A 281 43.38 -23.81 1.07
N VAL A 282 43.81 -23.06 0.05
CA VAL A 282 43.90 -23.60 -1.30
C VAL A 282 45.38 -23.70 -1.70
N ASN A 283 45.82 -24.91 -2.02
CA ASN A 283 47.23 -25.17 -2.35
C ASN A 283 48.21 -24.61 -1.33
N GLY A 284 47.90 -24.80 -0.05
CA GLY A 284 48.76 -24.32 1.02
C GLY A 284 48.53 -22.87 1.39
N ARG A 285 47.87 -22.13 0.49
CA ARG A 285 47.64 -20.71 0.69
C ARG A 285 46.35 -20.45 1.48
N PRO A 286 46.48 -19.80 2.65
CA PRO A 286 45.34 -19.43 3.50
C PRO A 286 44.29 -18.60 2.76
N LEU A 287 43.03 -18.76 3.14
CA LEU A 287 41.92 -18.10 2.43
C LEU A 287 41.18 -17.10 3.30
N VAL A 288 40.95 -15.90 2.76
CA VAL A 288 40.20 -14.86 3.45
C VAL A 288 38.86 -14.59 2.75
N ASP A 289 38.91 -14.41 1.43
CA ASP A 289 37.71 -14.19 0.62
C ASP A 289 37.50 -15.38 -0.31
N SER A 290 36.31 -15.48 -0.89
CA SER A 290 36.01 -16.55 -1.83
C SER A 290 36.49 -16.22 -3.24
N SER A 291 36.79 -14.94 -3.46
CA SER A 291 37.35 -14.49 -4.73
C SER A 291 38.72 -15.14 -4.98
N GLU A 292 39.47 -15.34 -3.90
CA GLU A 292 40.75 -16.05 -3.97
C GLU A 292 40.57 -17.46 -4.49
N LEU A 293 39.66 -18.20 -3.88
CA LEU A 293 39.41 -19.59 -4.27
C LEU A 293 38.88 -19.67 -5.69
N GLN A 294 37.99 -18.76 -6.07
CA GLN A 294 37.47 -18.74 -7.44
C GLN A 294 38.60 -18.49 -8.44
N GLU A 295 39.47 -17.52 -8.13
CA GLU A 295 40.66 -17.26 -8.92
C GLU A 295 41.49 -18.53 -9.11
N ALA A 296 41.66 -19.25 -8.01
CA ALA A 296 42.39 -20.53 -8.04
C ALA A 296 41.73 -21.53 -8.98
N VAL A 297 40.41 -21.68 -8.85
CA VAL A 297 39.63 -22.57 -9.70
C VAL A 297 39.85 -22.25 -11.17
N LEU A 298 39.92 -20.96 -11.48
CA LEU A 298 40.09 -20.53 -12.86
C LEU A 298 41.53 -20.67 -13.38
N THR A 299 42.52 -20.58 -12.48
CA THR A 299 43.91 -20.52 -12.93
C THR A 299 44.83 -21.66 -12.46
N GLU A 300 44.30 -22.63 -11.72
CA GLU A 300 45.14 -23.71 -11.20
C GLU A 300 44.47 -25.08 -11.18
N SER A 301 45.28 -26.12 -11.28
CA SER A 301 44.83 -27.51 -11.19
C SER A 301 46.03 -28.43 -10.95
N PRO A 302 45.89 -29.35 -9.98
CA PRO A 302 44.70 -29.54 -9.14
C PRO A 302 44.64 -28.55 -7.99
N LEU A 303 43.50 -28.49 -7.31
CA LEU A 303 43.36 -27.62 -6.15
C LEU A 303 43.43 -28.45 -4.86
N LEU A 304 44.50 -28.25 -4.11
CA LEU A 304 44.65 -28.93 -2.83
C LEU A 304 43.99 -28.11 -1.73
N LEU A 305 42.85 -28.59 -1.25
CA LEU A 305 42.02 -27.85 -0.32
C LEU A 305 42.08 -28.40 1.09
N GLU A 306 42.45 -27.54 2.04
CA GLU A 306 42.41 -27.86 3.46
C GLU A 306 41.03 -27.48 4.00
N VAL A 307 40.36 -28.44 4.63
CA VAL A 307 38.96 -28.28 5.02
C VAL A 307 38.74 -28.57 6.49
N ARG A 308 38.09 -27.64 7.18
CA ARG A 308 37.68 -27.86 8.57
C ARG A 308 36.26 -28.42 8.61
N ARG A 309 36.14 -29.71 8.91
CA ARG A 309 34.83 -30.34 9.00
C ARG A 309 34.53 -30.75 10.43
N GLY A 310 33.72 -29.96 11.11
CA GLY A 310 33.46 -30.17 12.52
C GLY A 310 34.74 -30.06 13.31
N ASN A 311 35.19 -31.19 13.85
CA ASN A 311 36.42 -31.23 14.63
C ASN A 311 37.64 -31.45 13.74
N ASP A 312 37.42 -32.01 12.55
CA ASP A 312 38.51 -32.53 11.73
C ASP A 312 39.17 -31.51 10.81
N ASP A 313 40.46 -31.73 10.55
CA ASP A 313 41.20 -30.99 9.53
C ASP A 313 41.59 -31.97 8.42
N LEU A 314 40.99 -31.82 7.25
CA LEU A 314 41.13 -32.79 6.18
C LEU A 314 41.74 -32.17 4.92
N LEU A 315 42.22 -33.00 4.01
CA LEU A 315 42.81 -32.52 2.76
C LEU A 315 42.20 -33.21 1.55
N PHE A 316 41.67 -32.42 0.63
CA PHE A 316 41.03 -32.93 -0.58
C PHE A 316 41.69 -32.36 -1.84
N SER A 317 42.14 -33.23 -2.73
CA SER A 317 42.68 -32.77 -4.01
C SER A 317 41.57 -32.70 -5.05
N ILE A 318 41.10 -31.48 -5.34
CA ILE A 318 40.01 -31.28 -6.28
C ILE A 318 40.52 -30.67 -7.58
N ALA A 319 40.22 -31.34 -8.70
CA ALA A 319 40.61 -30.83 -10.02
C ALA A 319 39.42 -30.23 -10.75
N PRO A 320 39.45 -28.90 -10.98
CA PRO A 320 38.35 -28.20 -11.65
C PRO A 320 38.17 -28.66 -13.08
N GLU A 321 36.91 -28.82 -13.51
CA GLU A 321 36.61 -29.22 -14.88
C GLU A 321 35.86 -28.13 -15.62
N VAL A 322 35.71 -28.31 -16.93
CA VAL A 322 35.12 -27.28 -17.79
C VAL A 322 33.69 -27.62 -18.21
N VAL A 323 32.79 -26.63 -18.12
CA VAL A 323 31.42 -26.82 -18.58
C VAL A 323 30.92 -25.62 -19.37
N MET A 324 29.79 -25.80 -20.05
CA MET A 324 29.15 -24.72 -20.79
C MET A 324 28.01 -24.12 -19.98
N GLY A 325 28.28 -23.01 -19.32
CA GLY A 325 27.27 -22.30 -18.56
C GLY A 325 26.81 -21.06 -19.30
N GLY A 326 26.21 -20.12 -18.57
CA GLY A 326 25.73 -18.89 -19.15
C GLY A 326 25.48 -17.83 -18.09
N HIS A 327 25.75 -16.58 -18.44
CA HIS A 327 25.56 -15.47 -17.50
C HIS A 327 24.10 -15.30 -17.12
N HIS A 328 23.77 -15.67 -15.89
CA HIS A 328 22.41 -15.54 -15.38
C HIS A 328 22.33 -14.45 -14.32
N HIS A 329 23.42 -14.27 -13.58
CA HIS A 329 23.51 -13.21 -12.58
C HIS A 329 24.18 -11.97 -13.14
N HIS A 330 23.69 -10.80 -12.73
CA HIS A 330 24.24 -9.53 -13.21
C HIS A 330 24.25 -8.49 -12.09
N LEU B 1 -7.21 2.03 -32.99
CA LEU B 1 -8.57 2.32 -33.42
C LEU B 1 -9.56 2.07 -32.28
N HIS B 2 -10.40 3.06 -32.00
CA HIS B 2 -11.27 3.05 -30.82
C HIS B 2 -10.45 2.84 -29.56
N GLN B 3 -9.37 3.62 -29.45
CA GLN B 3 -8.44 3.53 -28.33
C GLN B 3 -9.05 4.09 -27.05
N LEU B 4 -10.15 4.83 -27.20
CA LEU B 4 -10.74 5.56 -26.09
C LEU B 4 -12.02 4.91 -25.56
N SER B 5 -12.29 3.68 -25.98
CA SER B 5 -13.42 2.93 -25.47
C SER B 5 -13.00 2.04 -24.31
N SER B 6 -11.70 2.03 -24.05
CA SER B 6 -11.13 1.22 -22.96
C SER B 6 -11.40 1.88 -21.60
N PRO B 7 -11.34 1.09 -20.52
CA PRO B 7 -11.62 1.61 -19.18
C PRO B 7 -10.63 2.70 -18.74
N ARG B 8 -9.41 2.64 -19.26
CA ARG B 8 -8.35 3.58 -18.89
C ARG B 8 -8.70 5.02 -19.27
N TYR B 9 -9.49 5.19 -20.34
CA TYR B 9 -9.85 6.51 -20.82
C TYR B 9 -11.31 6.80 -20.48
N LYS B 10 -11.99 5.79 -19.96
CA LYS B 10 -13.38 5.90 -19.57
C LYS B 10 -13.54 6.21 -18.08
N PHE B 11 -12.66 5.66 -17.25
CA PHE B 11 -12.86 5.70 -15.80
C PHE B 11 -11.80 6.49 -15.01
N ASN B 12 -10.82 7.08 -15.69
CA ASN B 12 -9.75 7.78 -14.98
C ASN B 12 -10.07 9.25 -14.77
N PHE B 13 -11.02 9.53 -13.88
CA PHE B 13 -11.48 10.89 -13.65
C PHE B 13 -10.57 11.69 -12.71
N ILE B 14 -9.92 10.98 -11.79
CA ILE B 14 -8.97 11.62 -10.87
C ILE B 14 -7.83 12.23 -11.68
N ALA B 15 -7.34 11.47 -12.66
CA ALA B 15 -6.28 11.94 -13.53
C ALA B 15 -6.70 13.22 -14.25
N ASP B 16 -7.98 13.31 -14.60
CA ASP B 16 -8.53 14.48 -15.27
C ASP B 16 -8.57 15.69 -14.35
N VAL B 17 -9.14 15.50 -13.16
CA VAL B 17 -9.19 16.58 -12.16
C VAL B 17 -7.77 17.11 -11.89
N VAL B 18 -6.84 16.19 -11.72
CA VAL B 18 -5.45 16.52 -11.47
C VAL B 18 -4.86 17.31 -12.64
N GLU B 19 -5.13 16.84 -13.85
CA GLU B 19 -4.59 17.46 -15.05
C GLU B 19 -5.17 18.86 -15.23
N LYS B 20 -6.36 19.09 -14.68
CA LYS B 20 -6.98 20.42 -14.72
C LYS B 20 -6.37 21.37 -13.67
N ILE B 21 -6.23 20.88 -12.44
CA ILE B 21 -5.85 21.75 -11.32
C ILE B 21 -4.35 21.90 -11.10
N ALA B 22 -3.55 21.05 -11.74
CA ALA B 22 -2.11 21.01 -11.50
C ALA B 22 -1.35 22.34 -11.71
N PRO B 23 -1.61 23.07 -12.82
CA PRO B 23 -0.81 24.28 -13.03
C PRO B 23 -0.98 25.35 -11.95
N ALA B 24 -2.14 25.37 -11.29
CA ALA B 24 -2.42 26.38 -10.29
C ALA B 24 -1.88 26.00 -8.92
N VAL B 25 -1.29 24.81 -8.83
CA VAL B 25 -0.65 24.38 -7.59
C VAL B 25 0.81 24.79 -7.61
N VAL B 26 1.29 25.35 -6.51
CA VAL B 26 2.65 25.88 -6.44
C VAL B 26 3.43 25.32 -5.26
N HIS B 27 4.76 25.37 -5.38
CA HIS B 27 5.65 25.01 -4.28
C HIS B 27 6.10 26.28 -3.58
N ILE B 28 6.15 26.23 -2.26
CA ILE B 28 6.46 27.40 -1.46
C ILE B 28 7.62 27.08 -0.54
N GLU B 29 8.56 28.02 -0.42
CA GLU B 29 9.77 27.77 0.34
C GLU B 29 10.27 29.03 1.03
N LEU B 30 10.42 28.91 2.34
CA LEU B 30 10.89 29.97 3.22
C LEU B 30 12.28 29.62 3.70
N PHE B 31 13.22 30.53 3.45
CA PHE B 31 14.62 30.23 3.75
C PHE B 31 15.31 31.44 4.38
N LEU B 32 16.49 31.23 4.93
CA LEU B 32 17.24 32.31 5.55
C LEU B 32 18.46 32.74 4.74
N ARG B 33 18.78 34.02 4.81
CA ARG B 33 19.96 34.58 4.17
C ARG B 33 20.93 35.06 5.24
N HIS B 34 22.03 34.33 5.39
CA HIS B 34 23.10 34.68 6.33
C HIS B 34 24.43 34.33 5.66
N PRO B 35 24.84 35.18 4.70
CA PRO B 35 26.01 34.90 3.85
C PRO B 35 27.34 34.92 4.58
N LEU B 36 27.39 35.51 5.77
CA LEU B 36 28.63 35.58 6.52
C LEU B 36 28.83 34.31 7.36
N PHE B 37 28.01 33.30 7.11
CA PHE B 37 28.09 32.04 7.85
C PHE B 37 27.87 30.85 6.92
N GLY B 38 27.73 31.13 5.64
CA GLY B 38 27.64 30.11 4.62
C GLY B 38 26.50 30.34 3.64
N ARG B 39 25.96 29.25 3.10
CA ARG B 39 24.96 29.33 2.04
C ARG B 39 23.57 29.45 2.68
N ASN B 40 22.58 29.86 1.88
CA ASN B 40 21.23 30.05 2.40
C ASN B 40 20.65 28.75 2.95
N VAL B 41 19.72 28.86 3.89
CA VAL B 41 19.21 27.70 4.60
C VAL B 41 17.69 27.61 4.58
N PRO B 42 17.15 26.48 4.11
CA PRO B 42 15.69 26.35 4.08
C PRO B 42 15.16 26.28 5.51
N LEU B 43 14.12 27.05 5.80
CA LEU B 43 13.54 27.07 7.14
C LEU B 43 12.22 26.32 7.18
N SER B 44 11.43 26.45 6.12
CA SER B 44 10.14 25.77 6.06
C SER B 44 9.65 25.67 4.63
N SER B 45 9.13 24.51 4.25
CA SER B 45 8.68 24.32 2.88
C SER B 45 7.31 23.67 2.82
N GLY B 46 6.65 23.76 1.68
CA GLY B 46 5.32 23.19 1.54
C GLY B 46 4.68 23.51 0.20
N SER B 47 3.37 23.33 0.12
CA SER B 47 2.64 23.60 -1.11
C SER B 47 1.58 24.69 -0.91
N GLY B 48 1.04 25.18 -2.02
CA GLY B 48 -0.02 26.18 -1.97
C GLY B 48 -0.73 26.22 -3.31
N PHE B 49 -1.69 27.13 -3.47
CA PHE B 49 -2.32 27.27 -4.79
C PHE B 49 -2.68 28.72 -5.10
N ILE B 50 -2.64 29.06 -6.38
CA ILE B 50 -2.97 30.40 -6.84
C ILE B 50 -4.49 30.57 -6.86
N MET B 51 -4.98 31.68 -6.32
CA MET B 51 -6.41 31.90 -6.23
C MET B 51 -6.86 33.07 -7.09
N SER B 52 -6.08 34.16 -7.06
CA SER B 52 -6.34 35.30 -7.92
C SER B 52 -5.18 35.50 -8.89
N GLU B 53 -5.48 35.96 -10.10
CA GLU B 53 -4.48 36.03 -11.16
C GLU B 53 -3.53 37.21 -10.98
N ALA B 54 -3.72 37.95 -9.89
CA ALA B 54 -2.80 39.03 -9.54
C ALA B 54 -1.60 38.48 -8.81
N GLY B 55 -1.70 37.21 -8.43
CA GLY B 55 -0.60 36.52 -7.78
C GLY B 55 -0.86 36.27 -6.30
N LEU B 56 -2.13 36.06 -5.95
CA LEU B 56 -2.46 35.74 -4.57
C LEU B 56 -2.53 34.22 -4.42
N ILE B 57 -1.94 33.73 -3.34
CA ILE B 57 -1.73 32.30 -3.17
C ILE B 57 -2.10 31.90 -1.75
N ILE B 58 -2.83 30.79 -1.62
CA ILE B 58 -3.19 30.30 -0.30
C ILE B 58 -2.38 29.08 0.09
N THR B 59 -2.00 29.05 1.36
CA THR B 59 -1.35 27.90 1.98
C THR B 59 -1.68 27.96 3.47
N ASN B 60 -1.05 27.12 4.28
CA ASN B 60 -1.30 27.18 5.72
C ASN B 60 -0.15 27.91 6.43
N ALA B 61 -0.39 28.31 7.67
CA ALA B 61 0.55 29.19 8.37
C ALA B 61 1.84 28.48 8.76
N HIS B 62 1.88 27.15 8.60
CA HIS B 62 3.04 26.38 8.96
C HIS B 62 4.05 26.30 7.80
N VAL B 63 3.53 26.34 6.58
CA VAL B 63 4.36 26.32 5.38
C VAL B 63 5.27 27.55 5.31
N VAL B 64 4.69 28.72 5.52
CA VAL B 64 5.39 29.99 5.33
C VAL B 64 5.94 30.57 6.64
N SER B 65 6.20 29.72 7.63
CA SER B 65 6.75 30.20 8.89
C SER B 65 7.69 29.19 9.55
N SER B 66 8.69 29.73 10.26
CA SER B 66 9.68 28.92 10.97
C SER B 66 9.86 29.42 12.40
N ASN B 67 10.29 28.54 13.30
CA ASN B 67 10.47 28.93 14.69
C ASN B 67 11.94 29.10 15.09
N SER B 68 12.83 29.33 14.12
CA SER B 68 14.22 29.56 14.47
C SER B 68 14.44 31.03 14.78
N ALA B 69 15.33 31.30 15.73
CA ALA B 69 15.69 32.67 16.07
C ALA B 69 17.03 33.01 15.45
N ALA B 70 17.30 32.44 14.29
CA ALA B 70 18.56 32.62 13.60
C ALA B 70 18.62 33.95 12.88
N PRO B 71 19.69 34.72 13.14
CA PRO B 71 19.80 36.04 12.51
C PRO B 71 20.13 35.93 11.02
N GLY B 72 19.58 36.86 10.25
CA GLY B 72 19.77 36.92 8.81
C GLY B 72 18.41 37.15 8.21
N ARG B 73 18.37 37.61 6.96
CA ARG B 73 17.07 37.98 6.39
C ARG B 73 16.29 36.80 5.80
N GLN B 74 15.05 36.62 6.24
CA GLN B 74 14.26 35.49 5.76
C GLN B 74 13.52 35.89 4.49
N GLN B 75 13.28 34.91 3.62
CA GLN B 75 12.63 35.20 2.35
C GLN B 75 11.75 34.04 1.88
N LEU B 76 10.86 34.34 0.94
CA LEU B 76 9.91 33.37 0.42
C LEU B 76 10.11 33.17 -1.08
N LYS B 77 9.98 31.93 -1.52
CA LYS B 77 10.28 31.57 -2.89
C LYS B 77 9.15 30.67 -3.38
N VAL B 78 8.63 30.96 -4.56
CA VAL B 78 7.48 30.23 -5.10
C VAL B 78 7.76 29.74 -6.51
N GLN B 79 7.74 28.43 -6.69
CA GLN B 79 7.93 27.83 -8.00
C GLN B 79 6.61 27.35 -8.56
N LEU B 80 6.43 27.53 -9.86
CA LEU B 80 5.18 27.15 -10.51
C LEU B 80 5.42 25.82 -11.21
N GLN B 81 4.39 25.30 -11.89
CA GLN B 81 4.52 23.97 -12.47
C GLN B 81 5.38 24.01 -13.74
N ASN B 82 5.66 25.20 -14.22
CA ASN B 82 6.40 25.35 -15.48
C ASN B 82 7.84 25.75 -15.23
N GLY B 83 8.18 25.95 -13.97
CA GLY B 83 9.56 26.21 -13.58
C GLY B 83 9.81 27.63 -13.13
N ASP B 84 8.96 28.55 -13.59
CA ASP B 84 9.11 29.96 -13.24
C ASP B 84 9.10 30.16 -11.74
N SER B 85 10.03 30.97 -11.24
CA SER B 85 10.21 31.14 -9.80
C SER B 85 10.12 32.62 -9.42
N TYR B 86 9.25 32.92 -8.47
CA TYR B 86 9.05 34.30 -8.02
C TYR B 86 9.39 34.44 -6.54
N GLU B 87 9.90 35.60 -6.14
CA GLU B 87 9.99 35.89 -4.72
C GLU B 87 8.61 36.33 -4.23
N ALA B 88 8.33 36.12 -2.95
CA ALA B 88 6.99 36.35 -2.42
C ALA B 88 7.01 37.02 -1.05
N THR B 89 5.86 37.58 -0.67
CA THR B 89 5.71 38.26 0.61
C THR B 89 4.36 37.90 1.24
N ILE B 90 4.35 37.71 2.55
CA ILE B 90 3.14 37.32 3.27
C ILE B 90 2.17 38.50 3.37
N LYS B 91 0.99 38.34 2.78
CA LYS B 91 0.01 39.40 2.82
C LYS B 91 -0.88 39.27 4.05
N ASP B 92 -1.34 38.06 4.33
CA ASP B 92 -2.13 37.82 5.55
C ASP B 92 -1.79 36.47 6.17
N ILE B 93 -1.92 36.35 7.48
CA ILE B 93 -1.62 35.09 8.17
C ILE B 93 -2.24 35.00 9.57
N ASP B 94 -2.87 33.87 9.86
CA ASP B 94 -3.42 33.62 11.20
C ASP B 94 -2.96 32.27 11.74
N LYS B 95 -2.25 32.29 12.87
CA LYS B 95 -1.62 31.08 13.39
C LYS B 95 -2.61 30.20 14.13
N LYS B 96 -3.74 30.77 14.53
CA LYS B 96 -4.74 30.04 15.29
C LYS B 96 -5.75 29.39 14.37
N SER B 97 -5.73 29.79 13.10
CA SER B 97 -6.59 29.21 12.09
C SER B 97 -5.73 28.50 11.05
N ASP B 98 -4.42 28.67 11.17
CA ASP B 98 -3.45 27.99 10.32
C ASP B 98 -3.67 28.32 8.84
N ILE B 99 -4.00 29.57 8.55
CA ILE B 99 -4.21 30.00 7.17
C ILE B 99 -3.25 31.14 6.81
N ALA B 100 -2.78 31.15 5.57
CA ALA B 100 -1.89 32.20 5.12
C ALA B 100 -2.06 32.50 3.64
N THR B 101 -2.14 33.79 3.32
CA THR B 101 -2.17 34.25 1.94
C THR B 101 -0.88 35.01 1.66
N ILE B 102 -0.14 34.52 0.68
CA ILE B 102 1.09 35.17 0.24
C ILE B 102 0.87 35.75 -1.14
N LYS B 103 1.72 36.70 -1.53
CA LYS B 103 1.52 37.43 -2.77
C LYS B 103 2.80 37.52 -3.57
N ILE B 104 2.71 37.21 -4.86
CA ILE B 104 3.83 37.40 -5.78
C ILE B 104 3.43 38.46 -6.79
N HIS B 105 4.41 39.08 -7.42
CA HIS B 105 4.13 40.01 -8.50
C HIS B 105 4.55 39.32 -9.78
N PRO B 106 3.59 38.65 -10.44
CA PRO B 106 3.87 37.73 -11.55
C PRO B 106 4.20 38.43 -12.86
N LYS B 107 4.60 37.62 -13.84
CA LYS B 107 4.87 38.12 -15.18
C LYS B 107 3.59 38.11 -16.00
N LYS B 108 3.27 36.95 -16.56
CA LYS B 108 2.03 36.74 -17.31
C LYS B 108 0.83 36.70 -16.37
N LYS B 109 -0.31 36.29 -16.90
CA LYS B 109 -1.48 36.05 -16.05
C LYS B 109 -1.46 34.60 -15.58
N LEU B 110 -1.87 34.38 -14.33
CA LEU B 110 -1.67 33.09 -13.71
C LEU B 110 -2.94 32.25 -13.73
N PRO B 111 -2.79 30.93 -13.91
CA PRO B 111 -3.93 30.02 -13.74
C PRO B 111 -4.38 30.06 -12.29
N VAL B 112 -5.68 29.91 -12.04
CA VAL B 112 -6.19 30.04 -10.69
C VAL B 112 -7.20 28.95 -10.36
N LEU B 113 -7.22 28.54 -9.10
CA LEU B 113 -8.24 27.61 -8.63
C LEU B 113 -9.40 28.39 -8.05
N LEU B 114 -10.53 27.73 -7.91
CA LEU B 114 -11.72 28.38 -7.38
C LEU B 114 -12.12 27.72 -6.08
N LEU B 115 -12.44 28.54 -5.07
CA LEU B 115 -12.90 28.00 -3.81
C LEU B 115 -14.25 27.32 -4.01
N GLY B 116 -14.60 26.45 -3.09
CA GLY B 116 -15.87 25.76 -3.16
C GLY B 116 -16.53 25.85 -1.81
N HIS B 117 -17.69 25.23 -1.67
CA HIS B 117 -18.42 25.31 -0.42
C HIS B 117 -18.24 24.01 0.34
N SER B 118 -17.37 24.04 1.35
CA SER B 118 -17.01 22.85 2.10
C SER B 118 -18.22 22.31 2.87
N ALA B 119 -19.21 23.18 3.07
CA ALA B 119 -20.45 22.78 3.72
C ALA B 119 -21.33 21.97 2.77
N ASP B 120 -21.07 22.08 1.47
CA ASP B 120 -21.82 21.33 0.47
C ASP B 120 -21.22 19.96 0.15
N LEU B 121 -20.34 19.47 1.01
CA LEU B 121 -19.70 18.17 0.78
C LEU B 121 -20.43 17.02 1.46
N ARG B 122 -20.63 15.95 0.70
CA ARG B 122 -21.28 14.75 1.21
C ARG B 122 -20.24 13.71 1.63
N PRO B 123 -20.53 12.96 2.70
CA PRO B 123 -19.65 11.86 3.10
C PRO B 123 -19.49 10.84 1.99
N GLY B 124 -18.25 10.53 1.62
CA GLY B 124 -17.98 9.55 0.58
C GLY B 124 -17.70 10.21 -0.75
N GLU B 125 -17.73 11.54 -0.78
CA GLU B 125 -17.44 12.28 -2.00
C GLU B 125 -15.93 12.23 -2.26
N PHE B 126 -15.55 11.88 -3.49
CA PHE B 126 -14.14 11.77 -3.83
C PHE B 126 -13.41 13.11 -3.70
N VAL B 127 -12.21 13.07 -3.13
CA VAL B 127 -11.38 14.24 -3.01
C VAL B 127 -9.95 13.94 -3.39
N VAL B 128 -9.24 14.98 -3.84
CA VAL B 128 -7.86 14.86 -4.27
C VAL B 128 -6.98 15.84 -3.51
N ALA B 129 -6.01 15.31 -2.77
CA ALA B 129 -5.02 16.13 -2.09
C ALA B 129 -3.77 16.22 -2.95
N ILE B 130 -3.44 17.43 -3.39
CA ILE B 130 -2.34 17.63 -4.33
C ILE B 130 -1.42 18.74 -3.84
N GLY B 131 -0.13 18.57 -4.10
CA GLY B 131 0.87 19.57 -3.75
C GLY B 131 2.04 19.52 -4.71
N SER B 132 3.12 20.19 -4.33
CA SER B 132 4.34 20.19 -5.13
C SER B 132 5.53 20.08 -4.19
N PRO B 133 6.12 18.88 -4.09
CA PRO B 133 7.21 18.66 -3.13
C PRO B 133 8.48 19.41 -3.53
N PHE B 134 8.88 19.25 -4.79
CA PHE B 134 9.98 19.98 -5.36
C PHE B 134 9.48 20.70 -6.61
N ALA B 135 10.31 21.57 -7.17
CA ALA B 135 9.91 22.29 -8.38
C ALA B 135 9.62 21.31 -9.51
N LEU B 136 8.57 21.62 -10.28
CA LEU B 136 8.17 20.83 -11.45
C LEU B 136 7.62 19.45 -11.09
N GLN B 137 7.52 19.15 -9.80
CA GLN B 137 6.97 17.86 -9.37
C GLN B 137 5.61 18.03 -8.68
N ASN B 138 4.77 17.01 -8.80
CA ASN B 138 3.49 17.00 -8.09
C ASN B 138 3.33 15.75 -7.23
N THR B 139 2.73 15.91 -6.06
CA THR B 139 2.40 14.78 -5.21
C THR B 139 0.88 14.70 -5.05
N VAL B 140 0.30 13.59 -5.50
CA VAL B 140 -1.15 13.46 -5.54
C VAL B 140 -1.63 12.23 -4.81
N THR B 141 -2.55 12.41 -3.88
CA THR B 141 -3.22 11.29 -3.21
C THR B 141 -4.73 11.48 -3.31
N THR B 142 -5.47 10.39 -3.32
CA THR B 142 -6.92 10.47 -3.44
C THR B 142 -7.62 9.79 -2.27
N GLY B 143 -8.83 10.24 -1.97
CA GLY B 143 -9.62 9.62 -0.93
C GLY B 143 -11.06 10.04 -1.01
N ILE B 144 -11.78 9.92 0.10
CA ILE B 144 -13.15 10.40 0.19
C ILE B 144 -13.33 11.24 1.44
N VAL B 145 -14.41 12.00 1.49
CA VAL B 145 -14.73 12.79 2.67
C VAL B 145 -15.25 11.82 3.73
N SER B 146 -14.58 11.76 4.88
CA SER B 146 -14.84 10.71 5.84
C SER B 146 -15.75 11.16 6.98
N THR B 147 -15.96 12.47 7.07
CA THR B 147 -16.96 13.07 7.94
C THR B 147 -17.23 14.43 7.32
N ALA B 148 -18.39 15.02 7.59
CA ALA B 148 -18.84 16.13 6.75
C ALA B 148 -19.26 17.38 7.50
N GLN B 149 -18.27 18.22 7.81
CA GLN B 149 -18.53 19.55 8.33
C GLN B 149 -17.62 20.58 7.65
N ASP B 163 -13.01 23.36 13.41
CA ASP B 163 -13.42 22.11 12.79
C ASP B 163 -12.72 21.86 11.46
N TYR B 164 -12.71 20.61 11.03
CA TYR B 164 -11.94 20.19 9.87
C TYR B 164 -12.76 19.34 8.90
N ILE B 165 -12.25 19.20 7.68
CA ILE B 165 -12.72 18.17 6.76
C ILE B 165 -11.87 16.93 7.00
N GLN B 166 -12.50 15.77 7.11
CA GLN B 166 -11.74 14.53 7.32
C GLN B 166 -11.79 13.65 6.09
N THR B 167 -10.66 12.99 5.83
CA THR B 167 -10.51 12.20 4.62
C THR B 167 -9.51 11.07 4.84
N ASP B 168 -9.67 10.00 4.06
CA ASP B 168 -8.77 8.85 4.17
C ASP B 168 -7.72 8.88 3.07
N ALA B 169 -7.47 10.09 2.56
CA ALA B 169 -6.40 10.34 1.61
C ALA B 169 -5.12 10.72 2.34
N ILE B 170 -4.00 10.11 1.93
CA ILE B 170 -2.73 10.34 2.59
C ILE B 170 -2.23 11.77 2.37
N ILE B 171 -1.74 12.40 3.43
CA ILE B 171 -1.13 13.73 3.32
C ILE B 171 0.22 13.71 4.04
N ASN B 172 1.27 14.11 3.33
CA ASN B 172 2.62 14.13 3.89
C ASN B 172 3.37 15.42 3.57
N TYR B 173 4.70 15.38 3.61
CA TYR B 173 5.52 16.56 3.38
C TYR B 173 5.36 17.07 1.95
N GLY B 174 4.92 16.19 1.06
CA GLY B 174 4.87 16.48 -0.37
C GLY B 174 3.62 17.18 -0.86
N ASN B 175 2.57 17.22 -0.05
CA ASN B 175 1.34 17.89 -0.47
C ASN B 175 0.64 18.66 0.65
N ALA B 176 1.38 18.95 1.73
CA ALA B 176 0.83 19.73 2.81
C ALA B 176 0.80 21.20 2.41
N GLY B 177 -0.25 21.91 2.82
CA GLY B 177 -0.44 23.29 2.40
C GLY B 177 -1.14 23.38 1.05
N GLY B 178 -1.00 22.32 0.25
CA GLY B 178 -1.65 22.27 -1.04
C GLY B 178 -3.15 22.16 -0.91
N PRO B 179 -3.87 22.30 -2.04
CA PRO B 179 -5.34 22.26 -2.00
C PRO B 179 -5.90 20.85 -1.88
N LEU B 180 -7.04 20.74 -1.20
CA LEU B 180 -7.85 19.52 -1.24
C LEU B 180 -9.07 19.85 -2.08
N VAL B 181 -9.21 19.19 -3.22
CA VAL B 181 -10.26 19.55 -4.16
C VAL B 181 -11.30 18.45 -4.36
N ASN B 182 -12.48 18.86 -4.81
CA ASN B 182 -13.50 17.90 -5.25
C ASN B 182 -13.34 17.65 -6.75
N LEU B 183 -14.26 16.90 -7.34
CA LEU B 183 -14.08 16.48 -8.73
C LEU B 183 -14.34 17.61 -9.74
N ASP B 184 -14.88 18.73 -9.25
CA ASP B 184 -15.09 19.89 -10.10
C ASP B 184 -13.86 20.78 -10.14
N GLY B 185 -12.81 20.37 -9.43
CA GLY B 185 -11.59 21.14 -9.38
C GLY B 185 -11.65 22.29 -8.39
N GLU B 186 -12.75 22.34 -7.64
CA GLU B 186 -12.94 23.41 -6.66
C GLU B 186 -12.18 23.09 -5.37
N VAL B 187 -11.52 24.10 -4.81
CA VAL B 187 -10.78 23.92 -3.57
C VAL B 187 -11.77 23.93 -2.41
N ILE B 188 -11.86 22.80 -1.71
CA ILE B 188 -12.78 22.68 -0.59
C ILE B 188 -12.01 22.47 0.72
N GLY B 189 -10.69 22.58 0.65
CA GLY B 189 -9.87 22.46 1.84
C GLY B 189 -8.39 22.74 1.65
N ILE B 190 -7.69 22.95 2.76
CA ILE B 190 -6.24 23.08 2.77
C ILE B 190 -5.63 21.91 3.52
N ASN B 191 -4.71 21.21 2.88
CA ASN B 191 -4.09 20.03 3.47
C ASN B 191 -3.20 20.40 4.66
N THR B 192 -3.37 19.68 5.77
CA THR B 192 -2.50 19.84 6.93
C THR B 192 -1.88 18.50 7.27
N LEU B 193 -0.98 18.48 8.25
CA LEU B 193 -0.33 17.23 8.62
C LEU B 193 -0.95 16.63 9.87
N LYS B 194 -2.16 17.06 10.20
CA LYS B 194 -2.85 16.49 11.35
C LYS B 194 -3.50 15.19 10.93
N VAL B 195 -3.12 14.11 11.60
CA VAL B 195 -3.62 12.78 11.27
C VAL B 195 -4.00 12.02 12.53
N THR B 196 -5.15 11.34 12.50
CA THR B 196 -5.58 10.51 13.62
C THR B 196 -6.15 9.19 13.11
N ALA B 197 -5.41 8.11 13.35
CA ALA B 197 -5.80 6.76 12.93
C ALA B 197 -6.07 6.67 11.44
N GLY B 198 -5.12 7.13 10.63
CA GLY B 198 -5.22 7.02 9.18
C GLY B 198 -6.08 8.08 8.53
N ILE B 199 -6.80 8.85 9.33
CA ILE B 199 -7.66 9.90 8.79
C ILE B 199 -6.92 11.24 8.77
N SER B 200 -6.93 11.90 7.61
CA SER B 200 -6.27 13.19 7.46
C SER B 200 -7.24 14.34 7.76
N PHE B 201 -6.69 15.47 8.19
CA PHE B 201 -7.52 16.62 8.50
C PHE B 201 -7.15 17.78 7.57
N ALA B 202 -8.16 18.54 7.18
CA ALA B 202 -7.96 19.66 6.27
C ALA B 202 -8.77 20.87 6.72
N ILE B 203 -8.24 22.06 6.46
CA ILE B 203 -8.93 23.29 6.80
C ILE B 203 -10.04 23.56 5.78
N PRO B 204 -11.31 23.53 6.24
CA PRO B 204 -12.45 23.73 5.35
C PRO B 204 -12.34 25.03 4.55
N SER B 205 -12.75 25.00 3.29
CA SER B 205 -12.65 26.18 2.42
C SER B 205 -13.55 27.32 2.91
N ASP B 206 -14.56 26.98 3.71
CA ASP B 206 -15.43 27.99 4.28
C ASP B 206 -14.70 28.82 5.32
N ARG B 207 -13.79 28.19 6.06
CA ARG B 207 -12.98 28.91 7.04
C ARG B 207 -11.96 29.79 6.29
N ILE B 208 -11.60 29.33 5.10
CA ILE B 208 -10.76 30.11 4.20
C ILE B 208 -11.51 31.35 3.72
N THR B 209 -12.77 31.18 3.36
CA THR B 209 -13.59 32.29 2.87
C THR B 209 -13.84 33.28 3.99
N ARG B 210 -13.97 32.75 5.21
CA ARG B 210 -14.10 33.57 6.41
C ARG B 210 -12.84 34.43 6.53
N PHE B 211 -11.69 33.78 6.38
CA PHE B 211 -10.40 34.46 6.38
C PHE B 211 -10.36 35.58 5.32
N LEU B 212 -10.86 35.28 4.12
CA LEU B 212 -10.79 36.19 2.97
C LEU B 212 -11.68 37.43 3.09
N THR B 213 -12.96 37.22 3.40
CA THR B 213 -13.93 38.32 3.45
C THR B 213 -13.57 39.33 4.55
N GLU B 214 -12.60 38.97 5.37
CA GLU B 214 -12.24 39.71 6.56
C GLU B 214 -10.91 40.41 6.29
N PHE B 215 -10.59 40.55 5.01
CA PHE B 215 -9.32 41.14 4.58
C PHE B 215 -9.47 41.78 3.20
N SER C 5 -23.53 18.15 -15.97
CA SER C 5 -22.92 16.83 -16.13
C SER C 5 -21.41 16.88 -15.85
N SER C 6 -21.04 17.68 -14.85
CA SER C 6 -19.66 17.76 -14.40
C SER C 6 -19.26 16.46 -13.68
N PRO C 7 -17.95 16.20 -13.54
CA PRO C 7 -17.51 14.95 -12.92
C PRO C 7 -17.99 14.75 -11.48
N ARG C 8 -18.21 15.83 -10.74
CA ARG C 8 -18.63 15.72 -9.34
C ARG C 8 -19.97 15.01 -9.19
N TYR C 9 -20.83 15.14 -10.19
CA TYR C 9 -22.17 14.57 -10.13
C TYR C 9 -22.28 13.34 -11.04
N LYS C 10 -21.22 13.09 -11.79
CA LYS C 10 -21.18 11.95 -12.70
C LYS C 10 -20.48 10.74 -12.07
N PHE C 11 -19.48 10.99 -11.23
CA PHE C 11 -18.60 9.92 -10.77
C PHE C 11 -18.62 9.61 -9.26
N ASN C 12 -19.45 10.31 -8.49
CA ASN C 12 -19.46 10.11 -7.04
C ASN C 12 -20.45 9.05 -6.58
N PHE C 13 -20.13 7.78 -6.84
CA PHE C 13 -21.03 6.68 -6.52
C PHE C 13 -20.95 6.29 -5.05
N ILE C 14 -19.77 6.48 -4.46
CA ILE C 14 -19.58 6.22 -3.03
C ILE C 14 -20.48 7.12 -2.19
N ALA C 15 -20.53 8.40 -2.55
CA ALA C 15 -21.39 9.35 -1.86
C ALA C 15 -22.85 8.94 -1.93
N ASP C 16 -23.23 8.34 -3.05
CA ASP C 16 -24.61 7.89 -3.27
C ASP C 16 -24.93 6.70 -2.36
N VAL C 17 -24.06 5.69 -2.38
CA VAL C 17 -24.22 4.54 -1.51
C VAL C 17 -24.32 4.98 -0.05
N VAL C 18 -23.44 5.89 0.34
CA VAL C 18 -23.42 6.43 1.70
C VAL C 18 -24.74 7.12 2.01
N GLU C 19 -25.24 7.91 1.08
CA GLU C 19 -26.48 8.64 1.31
C GLU C 19 -27.68 7.70 1.42
N LYS C 20 -27.61 6.53 0.78
CA LYS C 20 -28.70 5.57 0.93
C LYS C 20 -28.62 4.82 2.25
N ILE C 21 -27.42 4.38 2.62
CA ILE C 21 -27.27 3.47 3.76
C ILE C 21 -27.13 4.18 5.10
N ALA C 22 -26.85 5.47 5.07
CA ALA C 22 -26.56 6.23 6.30
C ALA C 22 -27.64 6.20 7.39
N PRO C 23 -28.92 6.39 7.02
CA PRO C 23 -29.92 6.46 8.09
C PRO C 23 -30.06 5.16 8.90
N ALA C 24 -29.74 4.03 8.28
CA ALA C 24 -29.88 2.74 8.95
C ALA C 24 -28.65 2.40 9.77
N VAL C 25 -27.65 3.28 9.73
CA VAL C 25 -26.46 3.12 10.54
C VAL C 25 -26.66 3.86 11.86
N VAL C 26 -26.31 3.21 12.97
CA VAL C 26 -26.55 3.77 14.30
C VAL C 26 -25.30 3.80 15.16
N HIS C 27 -25.33 4.67 16.17
CA HIS C 27 -24.29 4.71 17.19
C HIS C 27 -24.77 3.91 18.39
N ILE C 28 -23.87 3.10 18.94
CA ILE C 28 -24.22 2.19 20.02
C ILE C 28 -23.26 2.43 21.17
N GLU C 29 -23.77 2.45 22.40
CA GLU C 29 -22.93 2.80 23.52
C GLU C 29 -23.35 2.09 24.81
N LEU C 30 -22.39 1.37 25.39
CA LEU C 30 -22.57 0.61 26.62
C LEU C 30 -21.83 1.28 27.76
N PHE C 31 -22.59 1.63 28.79
CA PHE C 31 -22.07 2.43 29.89
C PHE C 31 -22.63 2.04 31.25
N LEU C 32 -22.16 2.72 32.29
CA LEU C 32 -22.72 2.53 33.62
C LEU C 32 -23.67 3.71 33.72
N ARG C 33 -24.75 3.57 34.46
CA ARG C 33 -25.76 4.62 34.46
C ARG C 33 -25.77 5.46 35.72
N HIS C 34 -25.27 6.68 35.55
CA HIS C 34 -25.19 7.71 36.57
C HIS C 34 -24.90 7.17 37.96
N PRO C 35 -23.65 6.70 38.17
CA PRO C 35 -23.29 6.13 39.47
C PRO C 35 -23.20 7.26 40.46
N LEU C 36 -23.83 7.12 41.63
CA LEU C 36 -23.82 8.17 42.65
C LEU C 36 -24.52 9.41 42.10
N PHE C 37 -25.29 9.22 41.03
CA PHE C 37 -26.03 10.28 40.35
C PHE C 37 -25.11 11.26 39.63
N GLY C 38 -23.82 10.92 39.58
CA GLY C 38 -22.86 11.66 38.80
C GLY C 38 -22.99 11.36 37.31
N ARG C 39 -21.88 11.41 36.59
CA ARG C 39 -21.88 11.28 35.15
C ARG C 39 -21.82 9.82 34.73
N ASN C 40 -22.22 9.52 33.50
CA ASN C 40 -22.14 8.15 32.99
C ASN C 40 -20.69 7.71 32.88
N VAL C 41 -20.48 6.40 32.87
CA VAL C 41 -19.13 5.87 32.86
C VAL C 41 -19.06 4.97 31.65
N PRO C 42 -18.22 5.34 30.67
CA PRO C 42 -18.15 4.57 29.43
C PRO C 42 -17.50 3.21 29.58
N LEU C 43 -18.14 2.17 29.07
CA LEU C 43 -17.56 0.85 29.15
C LEU C 43 -17.10 0.38 27.77
N SER C 44 -17.93 0.61 26.76
CA SER C 44 -17.60 0.24 25.39
C SER C 44 -18.51 0.94 24.40
N SER C 45 -17.96 1.45 23.30
CA SER C 45 -18.80 2.15 22.32
C SER C 45 -18.46 1.73 20.90
N GLY C 46 -19.35 2.02 19.96
CA GLY C 46 -19.14 1.63 18.59
C GLY C 46 -20.31 1.94 17.68
N SER C 47 -20.35 1.29 16.52
CA SER C 47 -21.43 1.50 15.56
C SER C 47 -22.18 0.21 15.30
N GLY C 48 -23.32 0.31 14.62
CA GLY C 48 -24.11 -0.85 14.27
C GLY C 48 -25.06 -0.51 13.15
N PHE C 49 -25.90 -1.44 12.74
CA PHE C 49 -26.89 -1.09 11.72
C PHE C 49 -28.22 -1.78 11.96
N ILE C 50 -29.30 -1.12 11.55
CA ILE C 50 -30.64 -1.65 11.68
C ILE C 50 -30.88 -2.67 10.57
N MET C 51 -31.43 -3.82 10.92
CA MET C 51 -31.64 -4.88 9.94
C MET C 51 -33.14 -5.12 9.72
N SER C 52 -33.88 -5.14 10.82
CA SER C 52 -35.33 -5.23 10.74
C SER C 52 -35.95 -3.97 11.33
N GLU C 53 -37.06 -3.53 10.74
CA GLU C 53 -37.66 -2.26 11.10
C GLU C 53 -38.46 -2.38 12.40
N ALA C 54 -38.41 -3.55 13.01
CA ALA C 54 -39.01 -3.77 14.32
C ALA C 54 -38.07 -3.29 15.41
N GLY C 55 -36.83 -2.98 15.02
CA GLY C 55 -35.84 -2.42 15.92
C GLY C 55 -34.74 -3.39 16.29
N LEU C 56 -34.40 -4.29 15.37
CA LEU C 56 -33.29 -5.20 15.58
C LEU C 56 -32.03 -4.65 14.94
N ILE C 57 -30.92 -4.74 15.67
CA ILE C 57 -29.69 -4.06 15.28
C ILE C 57 -28.52 -5.01 15.39
N ILE C 58 -27.67 -5.04 14.37
CA ILE C 58 -26.48 -5.87 14.41
C ILE C 58 -25.22 -5.05 14.62
N THR C 59 -24.32 -5.59 15.44
CA THR C 59 -22.99 -5.06 15.64
C THR C 59 -22.11 -6.24 16.04
N ASN C 60 -20.87 -5.97 16.46
CA ASN C 60 -20.03 -7.07 16.92
C ASN C 60 -19.97 -7.11 18.45
N ALA C 61 -19.51 -8.24 19.00
CA ALA C 61 -19.64 -8.51 20.42
C ALA C 61 -18.74 -7.65 21.31
N HIS C 62 -17.83 -6.89 20.71
CA HIS C 62 -16.90 -6.08 21.48
C HIS C 62 -17.53 -4.73 21.82
N VAL C 63 -18.42 -4.27 20.94
CA VAL C 63 -19.14 -3.02 21.15
C VAL C 63 -20.05 -3.06 22.39
N VAL C 64 -20.83 -4.13 22.49
CA VAL C 64 -21.86 -4.21 23.53
C VAL C 64 -21.43 -5.01 24.77
N SER C 65 -20.13 -5.11 25.02
CA SER C 65 -19.64 -5.82 26.18
C SER C 65 -18.36 -5.23 26.73
N SER C 66 -18.16 -5.36 28.04
CA SER C 66 -16.94 -4.89 28.67
C SER C 66 -16.39 -6.04 29.49
N ASN C 67 -15.08 -6.11 29.62
CA ASN C 67 -14.45 -7.17 30.40
C ASN C 67 -13.90 -6.61 31.70
N SER C 68 -14.41 -5.44 32.08
CA SER C 68 -14.03 -4.78 33.32
C SER C 68 -14.88 -5.30 34.46
N ALA C 69 -14.33 -5.27 35.66
CA ALA C 69 -15.06 -5.71 36.85
C ALA C 69 -15.65 -4.49 37.55
N ALA C 70 -16.06 -3.51 36.75
CA ALA C 70 -16.60 -2.27 37.27
C ALA C 70 -18.03 -2.45 37.75
N PRO C 71 -18.28 -2.10 39.03
CA PRO C 71 -19.56 -2.24 39.70
C PRO C 71 -20.60 -1.21 39.24
N GLY C 72 -21.87 -1.60 39.17
CA GLY C 72 -22.91 -0.66 38.78
C GLY C 72 -23.90 -1.14 37.74
N ARG C 73 -24.98 -0.39 37.60
CA ARG C 73 -26.05 -0.75 36.67
C ARG C 73 -25.65 -0.34 35.26
N GLN C 74 -25.61 -1.32 34.36
CA GLN C 74 -25.19 -1.08 32.99
C GLN C 74 -26.35 -0.80 32.04
N GLN C 75 -26.07 -0.07 30.98
CA GLN C 75 -27.08 0.26 29.98
C GLN C 75 -26.53 0.34 28.57
N LEU C 76 -27.44 0.19 27.61
CA LEU C 76 -27.14 0.25 26.20
C LEU C 76 -27.96 1.36 25.58
N LYS C 77 -27.34 2.13 24.70
CA LYS C 77 -27.96 3.33 24.16
C LYS C 77 -27.71 3.39 22.67
N VAL C 78 -28.74 3.71 21.92
CA VAL C 78 -28.64 3.74 20.46
C VAL C 78 -29.10 5.08 19.92
N GLN C 79 -28.18 5.80 19.29
CA GLN C 79 -28.50 7.08 18.67
C GLN C 79 -28.58 6.89 17.16
N LEU C 80 -29.56 7.54 16.55
CA LEU C 80 -29.79 7.41 15.12
C LEU C 80 -29.26 8.62 14.37
N GLN C 81 -29.49 8.66 13.06
CA GLN C 81 -28.92 9.70 12.22
C GLN C 81 -29.61 11.03 12.47
N ASN C 82 -30.75 10.99 13.16
CA ASN C 82 -31.54 12.18 13.42
C ASN C 82 -31.41 12.62 14.87
N GLY C 83 -30.73 11.81 15.68
CA GLY C 83 -30.44 12.19 17.05
C GLY C 83 -31.22 11.37 18.07
N ASP C 84 -32.35 10.82 17.64
CA ASP C 84 -33.22 10.06 18.53
C ASP C 84 -32.50 8.89 19.20
N SER C 85 -32.75 8.73 20.50
CA SER C 85 -32.02 7.77 21.31
C SER C 85 -32.94 6.76 22.00
N TYR C 86 -32.64 5.48 21.80
CA TYR C 86 -33.42 4.42 22.43
C TYR C 86 -32.55 3.62 23.38
N GLU C 87 -33.15 3.10 24.44
CA GLU C 87 -32.46 2.15 25.29
C GLU C 87 -32.47 0.81 24.57
N ALA C 88 -31.47 -0.03 24.84
CA ALA C 88 -31.34 -1.27 24.10
C ALA C 88 -30.97 -2.43 25.00
N THR C 89 -31.18 -3.64 24.52
CA THR C 89 -30.91 -4.85 25.29
C THR C 89 -30.27 -5.89 24.38
N ILE C 90 -29.29 -6.62 24.92
CA ILE C 90 -28.61 -7.63 24.14
C ILE C 90 -29.55 -8.80 23.93
N LYS C 91 -29.91 -9.04 22.67
CA LYS C 91 -30.83 -10.12 22.35
C LYS C 91 -30.05 -11.40 22.14
N ASP C 92 -28.98 -11.30 21.36
CA ASP C 92 -28.10 -12.44 21.14
C ASP C 92 -26.67 -11.96 21.05
N ILE C 93 -25.74 -12.82 21.46
CA ILE C 93 -24.32 -12.47 21.41
C ILE C 93 -23.45 -13.73 21.44
N ASP C 94 -22.50 -13.77 20.53
CA ASP C 94 -21.51 -14.85 20.52
C ASP C 94 -20.13 -14.21 20.45
N LYS C 95 -19.37 -14.47 21.52
CA LYS C 95 -18.07 -13.84 21.73
C LYS C 95 -17.02 -14.59 20.92
N LYS C 96 -17.37 -15.80 20.52
CA LYS C 96 -16.45 -16.67 19.81
C LYS C 96 -16.62 -16.49 18.30
N SER C 97 -17.69 -15.81 17.92
CA SER C 97 -17.93 -15.45 16.53
C SER C 97 -17.94 -13.93 16.41
N ASP C 98 -17.88 -13.27 17.56
CA ASP C 98 -17.80 -11.81 17.64
C ASP C 98 -18.99 -11.15 16.97
N ILE C 99 -20.18 -11.72 17.14
CA ILE C 99 -21.38 -11.12 16.55
C ILE C 99 -22.42 -10.87 17.63
N ALA C 100 -23.18 -9.78 17.51
CA ALA C 100 -24.21 -9.47 18.50
C ALA C 100 -25.40 -8.73 17.90
N THR C 101 -26.58 -9.19 18.29
CA THR C 101 -27.83 -8.53 17.91
C THR C 101 -28.49 -7.93 19.15
N ILE C 102 -28.72 -6.62 19.12
CA ILE C 102 -29.41 -5.93 20.20
C ILE C 102 -30.77 -5.46 19.71
N LYS C 103 -31.67 -5.16 20.64
CA LYS C 103 -33.06 -4.87 20.26
C LYS C 103 -33.59 -3.61 20.94
N ILE C 104 -34.18 -2.73 20.14
CA ILE C 104 -34.88 -1.56 20.64
C ILE C 104 -36.37 -1.61 20.29
N HIS C 105 -37.18 -0.84 21.01
CA HIS C 105 -38.60 -0.70 20.67
C HIS C 105 -38.85 0.70 20.12
N PRO C 106 -38.86 0.82 18.78
CA PRO C 106 -38.85 2.09 18.05
C PRO C 106 -40.20 2.79 18.03
N LYS C 107 -40.22 4.00 17.48
CA LYS C 107 -41.44 4.77 17.31
C LYS C 107 -42.11 4.39 15.99
N LYS C 108 -41.67 5.06 14.92
CA LYS C 108 -42.09 4.73 13.56
C LYS C 108 -41.47 3.42 13.08
N LYS C 109 -41.55 3.18 11.78
CA LYS C 109 -40.87 2.05 11.17
C LYS C 109 -39.47 2.51 10.81
N LEU C 110 -38.49 1.63 10.95
CA LEU C 110 -37.09 2.03 10.86
C LEU C 110 -36.50 1.74 9.48
N PRO C 111 -35.60 2.61 9.02
CA PRO C 111 -34.83 2.31 7.82
C PRO C 111 -33.98 1.07 8.08
N VAL C 112 -33.79 0.24 7.05
CA VAL C 112 -33.08 -1.01 7.26
C VAL C 112 -32.09 -1.27 6.15
N LEU C 113 -30.97 -1.89 6.52
CA LEU C 113 -30.03 -2.36 5.53
C LEU C 113 -30.37 -3.82 5.26
N LEU C 114 -29.92 -4.34 4.13
CA LEU C 114 -30.20 -5.73 3.80
C LEU C 114 -28.88 -6.47 3.70
N LEU C 115 -28.84 -7.67 4.27
CA LEU C 115 -27.64 -8.50 4.18
C LEU C 115 -27.42 -8.84 2.71
N GLY C 116 -26.20 -9.22 2.38
CA GLY C 116 -25.87 -9.57 1.01
C GLY C 116 -25.14 -10.89 1.00
N HIS C 117 -24.72 -11.33 -0.18
CA HIS C 117 -24.06 -12.61 -0.30
C HIS C 117 -22.56 -12.37 -0.41
N SER C 118 -21.86 -12.58 0.70
CA SER C 118 -20.45 -12.27 0.78
C SER C 118 -19.63 -13.19 -0.12
N ALA C 119 -20.20 -14.32 -0.47
CA ALA C 119 -19.57 -15.26 -1.39
C ALA C 119 -19.66 -14.75 -2.82
N ASP C 120 -20.61 -13.84 -3.06
CA ASP C 120 -20.79 -13.25 -4.38
C ASP C 120 -19.93 -12.00 -4.54
N LEU C 121 -18.92 -11.87 -3.69
CA LEU C 121 -18.04 -10.71 -3.73
C LEU C 121 -16.83 -11.01 -4.61
N ARG C 122 -16.52 -10.08 -5.52
CA ARG C 122 -15.37 -10.24 -6.38
C ARG C 122 -14.19 -9.43 -5.85
N PRO C 123 -12.98 -9.98 -5.99
CA PRO C 123 -11.77 -9.21 -5.65
C PRO C 123 -11.68 -7.93 -6.47
N GLY C 124 -11.56 -6.79 -5.81
CA GLY C 124 -11.46 -5.51 -6.50
C GLY C 124 -12.78 -4.77 -6.50
N GLU C 125 -13.80 -5.37 -5.91
CA GLU C 125 -15.11 -4.76 -5.81
C GLU C 125 -15.10 -3.64 -4.77
N PHE C 126 -15.59 -2.46 -5.15
CA PHE C 126 -15.61 -1.33 -4.23
C PHE C 126 -16.52 -1.60 -3.04
N VAL C 127 -16.04 -1.26 -1.85
CA VAL C 127 -16.83 -1.39 -0.62
C VAL C 127 -16.70 -0.15 0.26
N VAL C 128 -17.72 0.07 1.08
CA VAL C 128 -17.76 1.23 1.97
C VAL C 128 -17.95 0.79 3.41
N ALA C 129 -16.97 1.13 4.25
CA ALA C 129 -17.07 0.89 5.69
C ALA C 129 -17.56 2.16 6.37
N ILE C 130 -18.73 2.07 6.99
CA ILE C 130 -19.39 3.24 7.55
C ILE C 130 -19.86 2.99 8.99
N GLY C 131 -19.79 4.02 9.83
CA GLY C 131 -20.28 3.92 11.20
C GLY C 131 -20.74 5.25 11.73
N SER C 132 -20.97 5.30 13.05
CA SER C 132 -21.35 6.55 13.71
C SER C 132 -20.64 6.68 15.05
N PRO C 133 -19.56 7.48 15.08
CA PRO C 133 -18.70 7.66 16.26
C PRO C 133 -19.39 8.48 17.35
N PHE C 134 -19.98 9.60 16.94
CA PHE C 134 -20.74 10.45 17.84
C PHE C 134 -22.14 10.55 17.28
N ALA C 135 -23.08 11.09 18.04
CA ALA C 135 -24.45 11.23 17.55
C ALA C 135 -24.47 12.14 16.33
N LEU C 136 -25.28 11.78 15.35
CA LEU C 136 -25.50 12.58 14.14
C LEU C 136 -24.26 12.68 13.23
N GLN C 137 -23.19 11.98 13.58
CA GLN C 137 -22.00 11.98 12.73
C GLN C 137 -21.80 10.62 12.07
N ASN C 138 -21.22 10.62 10.89
CA ASN C 138 -20.87 9.39 10.21
C ASN C 138 -19.38 9.38 9.88
N THR C 139 -18.76 8.22 10.00
CA THR C 139 -17.37 8.06 9.60
C THR C 139 -17.31 7.05 8.46
N VAL C 140 -16.82 7.50 7.31
CA VAL C 140 -16.87 6.70 6.10
C VAL C 140 -15.49 6.51 5.49
N THR C 141 -15.13 5.27 5.25
CA THR C 141 -13.89 4.96 4.53
C THR C 141 -14.25 4.04 3.38
N THR C 142 -13.51 4.12 2.29
CA THR C 142 -13.80 3.28 1.12
C THR C 142 -12.58 2.45 0.75
N GLY C 143 -12.84 1.32 0.10
CA GLY C 143 -11.76 0.46 -0.37
C GLY C 143 -12.24 -0.57 -1.37
N ILE C 144 -11.47 -1.64 -1.52
CA ILE C 144 -11.87 -2.76 -2.36
C ILE C 144 -11.72 -4.07 -1.60
N VAL C 145 -12.35 -5.12 -2.10
CA VAL C 145 -12.23 -6.43 -1.51
C VAL C 145 -10.89 -7.04 -1.88
N SER C 146 -10.06 -7.33 -0.86
CA SER C 146 -8.68 -7.74 -1.10
C SER C 146 -8.51 -9.24 -0.94
N THR C 147 -9.54 -9.89 -0.39
CA THR C 147 -9.64 -11.34 -0.34
C THR C 147 -11.12 -11.68 -0.20
N ALA C 148 -11.52 -12.87 -0.63
CA ALA C 148 -12.94 -13.15 -0.82
C ALA C 148 -13.38 -14.47 -0.21
N GLN C 149 -13.69 -14.44 1.09
CA GLN C 149 -14.32 -15.58 1.74
C GLN C 149 -15.46 -15.14 2.65
N MET C 162 -14.68 -19.46 10.20
CA MET C 162 -13.48 -18.95 10.85
C MET C 162 -12.65 -18.10 9.89
N ASP C 163 -13.31 -17.52 8.88
CA ASP C 163 -12.61 -16.75 7.86
C ASP C 163 -13.27 -15.39 7.64
N TYR C 164 -12.53 -14.48 7.00
CA TYR C 164 -12.93 -13.08 6.93
C TYR C 164 -12.94 -12.51 5.52
N ILE C 165 -13.57 -11.35 5.39
CA ILE C 165 -13.43 -10.50 4.21
C ILE C 165 -12.27 -9.55 4.46
N GLN C 166 -11.36 -9.40 3.49
CA GLN C 166 -10.24 -8.49 3.65
C GLN C 166 -10.38 -7.29 2.73
N THR C 167 -9.97 -6.12 3.22
CA THR C 167 -10.17 -4.88 2.50
C THR C 167 -9.11 -3.83 2.85
N ASP C 168 -8.84 -2.92 1.92
CA ASP C 168 -7.88 -1.86 2.16
C ASP C 168 -8.59 -0.56 2.51
N ALA C 169 -9.81 -0.70 3.03
CA ALA C 169 -10.53 0.44 3.57
C ALA C 169 -10.15 0.59 5.03
N ILE C 170 -9.83 1.81 5.44
CA ILE C 170 -9.34 2.04 6.79
C ILE C 170 -10.48 1.80 7.78
N ILE C 171 -10.19 1.12 8.88
CA ILE C 171 -11.18 0.91 9.91
C ILE C 171 -10.65 1.29 11.29
N ASN C 172 -11.37 2.21 11.94
CA ASN C 172 -11.03 2.67 13.28
C ASN C 172 -12.30 2.76 14.11
N TYR C 173 -12.27 3.57 15.16
CA TYR C 173 -13.41 3.67 16.08
C TYR C 173 -14.66 4.25 15.42
N GLY C 174 -14.48 4.97 14.32
CA GLY C 174 -15.58 5.71 13.74
C GLY C 174 -16.48 4.86 12.86
N ASN C 175 -16.00 3.66 12.51
CA ASN C 175 -16.80 2.76 11.70
C ASN C 175 -16.66 1.32 12.13
N ALA C 176 -16.12 1.09 13.33
CA ALA C 176 -16.02 -0.26 13.87
C ALA C 176 -17.39 -0.70 14.39
N GLY C 177 -17.74 -1.95 14.17
CA GLY C 177 -19.05 -2.44 14.53
C GLY C 177 -20.06 -2.11 13.44
N GLY C 178 -19.78 -1.04 12.70
CA GLY C 178 -20.64 -0.63 11.60
C GLY C 178 -20.59 -1.60 10.43
N PRO C 179 -21.49 -1.40 9.46
CA PRO C 179 -21.56 -2.28 8.29
C PRO C 179 -20.51 -2.00 7.23
N LEU C 180 -20.06 -3.06 6.55
CA LEU C 180 -19.28 -2.90 5.33
C LEU C 180 -20.18 -3.29 4.16
N VAL C 181 -20.49 -2.32 3.30
CA VAL C 181 -21.46 -2.56 2.24
C VAL C 181 -20.83 -2.50 0.84
N ASN C 182 -21.51 -3.12 -0.12
CA ASN C 182 -21.13 -2.98 -1.51
C ASN C 182 -21.89 -1.81 -2.15
N LEU C 183 -21.75 -1.65 -3.46
CA LEU C 183 -22.32 -0.49 -4.13
C LEU C 183 -23.83 -0.60 -4.30
N ASP C 184 -24.39 -1.77 -4.01
CA ASP C 184 -25.83 -1.97 -4.06
C ASP C 184 -26.48 -1.57 -2.74
N GLY C 185 -25.66 -1.15 -1.78
CA GLY C 185 -26.13 -0.76 -0.46
C GLY C 185 -26.37 -1.98 0.42
N GLU C 186 -26.01 -3.15 -0.09
CA GLU C 186 -26.18 -4.40 0.63
C GLU C 186 -25.03 -4.63 1.60
N VAL C 187 -25.35 -5.07 2.80
CA VAL C 187 -24.33 -5.36 3.81
C VAL C 187 -23.64 -6.68 3.53
N ILE C 188 -22.34 -6.62 3.27
CA ILE C 188 -21.57 -7.81 2.97
C ILE C 188 -20.51 -8.07 4.04
N GLY C 189 -20.55 -7.27 5.11
CA GLY C 189 -19.63 -7.46 6.22
C GLY C 189 -19.86 -6.55 7.42
N ILE C 190 -19.27 -6.93 8.54
CA ILE C 190 -19.23 -6.09 9.75
C ILE C 190 -17.80 -5.69 10.05
N ASN C 191 -17.56 -4.39 10.20
CA ASN C 191 -16.22 -3.91 10.43
C ASN C 191 -15.69 -4.33 11.81
N THR C 192 -14.50 -4.89 11.84
CA THR C 192 -13.83 -5.23 13.09
C THR C 192 -12.45 -4.57 13.16
N LEU C 193 -11.74 -4.76 14.27
CA LEU C 193 -10.45 -4.11 14.46
C LEU C 193 -9.23 -5.00 14.22
N LYS C 194 -9.40 -6.10 13.49
CA LYS C 194 -8.26 -6.95 13.17
C LYS C 194 -7.49 -6.41 11.96
N GLY C 198 -1.47 -4.04 7.15
CA GLY C 198 -2.08 -2.85 6.60
C GLY C 198 -3.47 -3.10 6.04
N ILE C 199 -3.85 -4.36 5.96
CA ILE C 199 -5.14 -4.75 5.41
C ILE C 199 -6.17 -4.92 6.53
N SER C 200 -7.35 -4.34 6.36
CA SER C 200 -8.41 -4.39 7.36
C SER C 200 -9.26 -5.65 7.20
N PHE C 201 -9.85 -6.08 8.31
CA PHE C 201 -10.65 -7.31 8.32
C PHE C 201 -12.12 -7.05 8.67
N ALA C 202 -13.02 -7.81 8.05
CA ALA C 202 -14.44 -7.69 8.31
C ALA C 202 -15.12 -9.05 8.38
N ILE C 203 -16.13 -9.18 9.24
CA ILE C 203 -16.90 -10.42 9.37
C ILE C 203 -17.91 -10.56 8.24
N PRO C 204 -17.74 -11.58 7.37
CA PRO C 204 -18.60 -11.83 6.22
C PRO C 204 -20.09 -11.93 6.59
N SER C 205 -20.96 -11.41 5.73
CA SER C 205 -22.40 -11.42 6.00
C SER C 205 -23.02 -12.81 6.00
N ASP C 206 -22.36 -13.76 5.37
CA ASP C 206 -22.84 -15.14 5.36
C ASP C 206 -22.72 -15.75 6.75
N ARG C 207 -21.67 -15.36 7.47
CA ARG C 207 -21.47 -15.81 8.83
C ARG C 207 -22.51 -15.16 9.75
N ILE C 208 -22.98 -13.98 9.34
CA ILE C 208 -24.10 -13.33 10.02
C ILE C 208 -25.39 -14.11 9.80
N THR C 209 -25.61 -14.54 8.56
CA THR C 209 -26.84 -15.27 8.23
C THR C 209 -26.83 -16.61 8.96
N ARG C 210 -25.65 -17.18 9.15
CA ARG C 210 -25.51 -18.37 9.98
C ARG C 210 -25.98 -18.07 11.40
N PHE C 211 -25.46 -16.99 11.95
CA PHE C 211 -25.79 -16.52 13.29
C PHE C 211 -27.29 -16.31 13.52
N LEU C 212 -27.96 -15.68 12.56
CA LEU C 212 -29.36 -15.29 12.73
C LEU C 212 -30.32 -16.49 12.72
N THR C 213 -30.22 -17.30 11.67
CA THR C 213 -31.12 -18.45 11.49
C THR C 213 -30.92 -19.53 12.56
N GLU C 214 -29.85 -19.40 13.33
CA GLU C 214 -29.42 -20.44 14.24
C GLU C 214 -29.69 -19.99 15.69
N PHE C 215 -30.61 -19.04 15.81
CA PHE C 215 -30.97 -18.44 17.09
C PHE C 215 -32.42 -17.96 17.05
P PO4 D . 26.90 -16.76 -13.74
O1 PO4 D . 26.80 -15.26 -13.92
O2 PO4 D . 27.68 -17.34 -14.89
O3 PO4 D . 27.61 -17.06 -12.44
O4 PO4 D . 25.51 -17.35 -13.72
P PO4 E . 32.36 -22.87 -8.50
O1 PO4 E . 31.97 -21.42 -8.47
O2 PO4 E . 31.33 -23.65 -9.26
O3 PO4 E . 33.71 -23.01 -9.16
O4 PO4 E . 32.44 -23.39 -7.08
#